data_2LRA
#
_entry.id   2LRA
#
_entity_poly.entity_id   1
_entity_poly.type   'polypeptide(L)'
_entity_poly.pdbx_seq_one_letter_code
;GAMAFDGEDEVTGPDADRARAAAVQAVPGGTAGEVETETGEGAAAYGVLVTRPDGTRVEVHLDRDFRVLDTEPADGDGGL
E
;
_entity_poly.pdbx_strand_id   A
#
# COMPACT_ATOMS: atom_id res chain seq x y z
N GLY A 1 -7.88 6.44 -15.40
CA GLY A 1 -9.31 6.27 -15.09
C GLY A 1 -9.74 7.13 -13.91
N ALA A 2 -10.18 6.47 -12.85
CA ALA A 2 -10.59 7.18 -11.65
C ALA A 2 -9.41 7.38 -10.72
N MET A 3 -9.15 8.61 -10.36
CA MET A 3 -8.00 8.96 -9.53
C MET A 3 -8.26 8.54 -8.08
N ALA A 4 -7.27 7.88 -7.46
CA ALA A 4 -7.44 7.34 -6.12
C ALA A 4 -7.36 8.43 -5.04
N PHE A 5 -8.35 9.32 -5.04
CA PHE A 5 -8.50 10.34 -4.01
C PHE A 5 -9.98 10.59 -3.76
N ASP A 6 -10.56 9.85 -2.82
CA ASP A 6 -11.98 9.99 -2.53
C ASP A 6 -12.22 10.12 -1.03
N GLY A 7 -12.10 9.01 -0.31
CA GLY A 7 -12.31 9.03 1.11
C GLY A 7 -13.50 8.20 1.56
N GLU A 8 -13.28 6.91 1.77
CA GLU A 8 -14.29 6.07 2.37
C GLU A 8 -14.43 6.42 3.85
N ASP A 9 -15.63 6.33 4.37
CA ASP A 9 -15.94 6.87 5.68
C ASP A 9 -15.75 5.85 6.80
N GLU A 10 -15.50 4.60 6.44
CA GLU A 10 -15.41 3.53 7.44
C GLU A 10 -13.97 3.33 7.92
N VAL A 11 -13.06 4.17 7.46
CA VAL A 11 -11.66 4.07 7.85
C VAL A 11 -11.23 5.27 8.68
N THR A 12 -10.18 5.11 9.45
CA THR A 12 -9.66 6.19 10.29
C THR A 12 -8.43 6.82 9.66
N GLY A 13 -7.90 6.18 8.63
CA GLY A 13 -6.70 6.70 7.98
C GLY A 13 -7.00 7.34 6.65
N PRO A 14 -6.30 8.43 6.29
CA PRO A 14 -6.52 9.12 5.03
C PRO A 14 -6.01 8.32 3.83
N ASP A 15 -4.70 8.16 3.76
CA ASP A 15 -4.07 7.40 2.68
C ASP A 15 -4.38 5.92 2.85
N ALA A 16 -4.62 5.52 4.09
CA ALA A 16 -4.96 4.15 4.44
C ALA A 16 -6.17 3.65 3.64
N ASP A 17 -7.02 4.58 3.27
CA ASP A 17 -8.19 4.26 2.47
C ASP A 17 -7.87 4.22 0.98
N ARG A 18 -7.32 5.32 0.49
CA ARG A 18 -7.13 5.52 -0.95
C ARG A 18 -6.26 4.42 -1.54
N ALA A 19 -5.14 4.13 -0.87
CA ALA A 19 -4.19 3.14 -1.36
C ALA A 19 -4.72 1.73 -1.21
N ARG A 20 -5.45 1.49 -0.13
CA ARG A 20 -5.98 0.17 0.17
C ARG A 20 -7.02 -0.23 -0.87
N ALA A 21 -7.86 0.72 -1.26
CA ALA A 21 -8.89 0.47 -2.27
C ALA A 21 -8.27 0.04 -3.59
N ALA A 22 -7.15 0.67 -3.95
CA ALA A 22 -6.45 0.35 -5.17
C ALA A 22 -5.80 -1.03 -5.08
N ALA A 23 -5.33 -1.37 -3.88
CA ALA A 23 -4.67 -2.64 -3.64
C ALA A 23 -5.64 -3.81 -3.84
N VAL A 24 -6.86 -3.65 -3.31
CA VAL A 24 -7.89 -4.69 -3.42
C VAL A 24 -8.15 -5.05 -4.87
N GLN A 25 -8.01 -4.07 -5.74
CA GLN A 25 -8.27 -4.26 -7.17
C GLN A 25 -7.09 -4.92 -7.87
N ALA A 26 -5.95 -4.98 -7.19
CA ALA A 26 -4.74 -5.54 -7.77
C ALA A 26 -4.50 -6.97 -7.29
N VAL A 27 -4.94 -7.28 -6.09
CA VAL A 27 -4.75 -8.61 -5.54
C VAL A 27 -6.07 -9.38 -5.44
N PRO A 28 -6.15 -10.54 -6.12
CA PRO A 28 -7.38 -11.34 -6.15
C PRO A 28 -7.65 -12.03 -4.81
N GLY A 29 -8.55 -11.45 -4.03
CA GLY A 29 -8.94 -12.02 -2.75
C GLY A 29 -7.77 -12.21 -1.81
N GLY A 30 -6.81 -11.29 -1.85
CA GLY A 30 -5.63 -11.42 -1.04
C GLY A 30 -5.73 -10.63 0.25
N THR A 31 -4.71 -10.75 1.08
CA THR A 31 -4.67 -10.04 2.35
C THR A 31 -4.29 -8.59 2.14
N ALA A 32 -5.19 -7.69 2.47
CA ALA A 32 -4.94 -6.27 2.33
C ALA A 32 -5.18 -5.55 3.65
N GLY A 33 -4.24 -4.69 4.03
CA GLY A 33 -4.36 -3.96 5.28
C GLY A 33 -4.25 -2.47 5.06
N GLU A 34 -4.69 -1.69 6.02
CA GLU A 34 -4.60 -0.24 5.93
C GLU A 34 -3.13 0.21 5.89
N VAL A 35 -2.86 1.22 5.09
CA VAL A 35 -1.51 1.66 4.83
C VAL A 35 -1.20 2.95 5.60
N GLU A 36 0.07 3.18 5.86
CA GLU A 36 0.49 4.39 6.56
C GLU A 36 1.43 5.20 5.66
N THR A 37 1.52 6.49 5.91
CA THR A 37 2.35 7.38 5.11
C THR A 37 3.83 7.16 5.41
N GLU A 38 4.59 6.89 4.36
CA GLU A 38 6.04 6.73 4.48
C GLU A 38 6.70 8.10 4.55
N THR A 39 8.02 8.12 4.39
CA THR A 39 8.78 9.36 4.47
C THR A 39 8.30 10.35 3.41
N GLY A 40 8.02 11.57 3.85
CA GLY A 40 7.45 12.57 2.96
C GLY A 40 8.39 12.96 1.84
N GLU A 41 9.64 13.21 2.19
CA GLU A 41 10.64 13.57 1.20
C GLU A 41 11.22 12.33 0.54
N GLY A 42 10.95 12.18 -0.74
CA GLY A 42 11.41 11.02 -1.47
C GLY A 42 10.55 10.73 -2.67
N ALA A 43 10.55 9.49 -3.13
CA ALA A 43 9.72 9.09 -4.26
C ALA A 43 8.51 8.29 -3.77
N ALA A 44 8.75 7.41 -2.80
CA ALA A 44 7.68 6.61 -2.22
C ALA A 44 7.05 7.32 -1.04
N ALA A 45 5.80 7.72 -1.20
CA ALA A 45 5.09 8.43 -0.17
C ALA A 45 4.10 7.52 0.55
N TYR A 46 3.64 6.50 -0.16
CA TYR A 46 2.66 5.58 0.38
C TYR A 46 3.15 4.15 0.27
N GLY A 47 3.06 3.38 1.35
CA GLY A 47 3.44 1.99 1.31
C GLY A 47 2.25 1.07 1.47
N VAL A 48 1.92 0.36 0.42
CA VAL A 48 0.73 -0.50 0.42
C VAL A 48 1.10 -1.94 0.73
N LEU A 49 0.72 -2.40 1.91
CA LEU A 49 1.04 -3.76 2.32
C LEU A 49 -0.04 -4.73 1.83
N VAL A 50 0.37 -5.67 0.98
CA VAL A 50 -0.55 -6.68 0.47
C VAL A 50 0.12 -8.04 0.50
N THR A 51 -0.68 -9.08 0.66
CA THR A 51 -0.15 -10.42 0.74
C THR A 51 -1.00 -11.38 -0.09
N ARG A 52 -0.34 -12.11 -0.99
CA ARG A 52 -1.02 -13.15 -1.74
C ARG A 52 -1.12 -14.40 -0.86
N PRO A 53 -2.24 -15.12 -0.96
CA PRO A 53 -2.50 -16.32 -0.14
C PRO A 53 -1.42 -17.39 -0.30
N ASP A 54 -0.59 -17.23 -1.31
CA ASP A 54 0.51 -18.15 -1.59
C ASP A 54 1.57 -18.05 -0.50
N GLY A 55 1.46 -17.06 0.38
CA GLY A 55 2.42 -16.88 1.43
C GLY A 55 3.50 -15.89 1.05
N THR A 56 3.12 -14.90 0.24
CA THR A 56 4.07 -13.90 -0.22
C THR A 56 3.53 -12.49 0.05
N ARG A 57 4.27 -11.75 0.85
CA ARG A 57 3.89 -10.40 1.24
C ARG A 57 4.73 -9.37 0.49
N VAL A 58 4.06 -8.44 -0.15
CA VAL A 58 4.73 -7.41 -0.93
C VAL A 58 4.16 -6.04 -0.57
N GLU A 59 5.02 -5.05 -0.45
CA GLU A 59 4.56 -3.70 -0.22
C GLU A 59 4.72 -2.86 -1.47
N VAL A 60 3.60 -2.32 -1.93
CA VAL A 60 3.58 -1.52 -3.14
C VAL A 60 3.94 -0.09 -2.82
N HIS A 61 5.01 0.40 -3.40
CA HIS A 61 5.46 1.75 -3.15
C HIS A 61 4.85 2.70 -4.17
N LEU A 62 4.09 3.64 -3.64
CA LEU A 62 3.34 4.58 -4.46
C LEU A 62 3.93 5.98 -4.37
N ASP A 63 3.84 6.73 -5.46
CA ASP A 63 4.42 8.05 -5.51
C ASP A 63 3.39 9.09 -5.06
N ARG A 64 3.65 10.34 -5.37
CA ARG A 64 2.81 11.45 -4.92
C ARG A 64 1.42 11.40 -5.56
N ASP A 65 1.27 10.62 -6.63
CA ASP A 65 0.01 10.55 -7.34
C ASP A 65 -0.55 9.13 -7.37
N PHE A 66 -0.03 8.29 -6.49
CA PHE A 66 -0.48 6.91 -6.35
C PHE A 66 -0.18 6.07 -7.58
N ARG A 67 0.89 6.41 -8.28
CA ARG A 67 1.31 5.62 -9.42
C ARG A 67 2.28 4.55 -8.95
N VAL A 68 2.08 3.33 -9.42
CA VAL A 68 2.92 2.21 -8.99
C VAL A 68 4.37 2.42 -9.40
N LEU A 69 5.23 2.59 -8.41
CA LEU A 69 6.65 2.74 -8.66
C LEU A 69 7.30 1.38 -8.80
N ASP A 70 7.08 0.51 -7.81
CA ASP A 70 7.66 -0.81 -7.81
C ASP A 70 7.10 -1.63 -6.65
N THR A 71 7.21 -2.95 -6.75
CA THR A 71 6.74 -3.84 -5.71
C THR A 71 7.83 -4.83 -5.31
N GLU A 72 8.33 -4.69 -4.09
CA GLU A 72 9.32 -5.62 -3.56
C GLU A 72 8.73 -6.42 -2.39
N PRO A 73 9.10 -7.71 -2.28
CA PRO A 73 8.65 -8.57 -1.18
C PRO A 73 9.09 -8.05 0.19
N ALA A 74 8.14 -7.93 1.10
CA ALA A 74 8.40 -7.38 2.41
C ALA A 74 8.46 -8.48 3.47
N ASP A 75 9.58 -8.55 4.17
CA ASP A 75 9.76 -9.54 5.22
C ASP A 75 9.80 -8.84 6.58
N GLY A 76 9.86 -9.63 7.65
CA GLY A 76 9.87 -9.06 8.98
C GLY A 76 10.98 -9.60 9.85
N ASP A 77 12.11 -9.90 9.24
CA ASP A 77 13.25 -10.46 9.98
C ASP A 77 14.19 -9.35 10.41
N GLY A 78 14.08 -8.20 9.74
CA GLY A 78 14.95 -7.09 10.04
C GLY A 78 14.48 -6.28 11.24
N GLY A 79 14.92 -6.67 12.43
CA GLY A 79 14.59 -5.93 13.62
C GLY A 79 15.54 -4.76 13.82
N LEU A 80 15.37 -4.04 14.92
CA LEU A 80 16.21 -2.88 15.21
C LEU A 80 16.46 -2.76 16.71
N GLU A 81 17.71 -2.93 17.10
CA GLU A 81 18.12 -2.80 18.50
C GLU A 81 19.65 -2.87 18.59
N GLY A 1 -10.33 3.13 -13.60
CA GLY A 1 -8.89 3.21 -13.22
C GLY A 1 -8.43 4.63 -13.05
N ALA A 2 -9.02 5.34 -12.10
CA ALA A 2 -8.64 6.71 -11.81
C ALA A 2 -7.84 6.78 -10.50
N MET A 3 -7.27 7.94 -10.21
CA MET A 3 -6.53 8.13 -8.97
C MET A 3 -7.50 8.17 -7.80
N ALA A 4 -7.30 7.27 -6.84
CA ALA A 4 -8.22 7.14 -5.72
C ALA A 4 -7.92 8.16 -4.63
N PHE A 5 -8.20 9.42 -4.91
CA PHE A 5 -8.12 10.47 -3.91
C PHE A 5 -9.52 10.74 -3.38
N ASP A 6 -9.71 10.42 -2.10
CA ASP A 6 -11.03 10.45 -1.46
C ASP A 6 -11.96 9.45 -2.12
N GLY A 7 -12.15 8.32 -1.44
CA GLY A 7 -12.96 7.26 -1.99
C GLY A 7 -14.40 7.33 -1.52
N GLU A 8 -14.77 6.41 -0.64
CA GLU A 8 -16.15 6.35 -0.17
C GLU A 8 -16.24 6.84 1.28
N ASP A 9 -17.47 6.88 1.80
CA ASP A 9 -17.74 7.40 3.14
C ASP A 9 -17.31 6.42 4.24
N GLU A 10 -16.94 5.20 3.84
CA GLU A 10 -16.51 4.19 4.80
C GLU A 10 -15.20 4.62 5.47
N VAL A 11 -15.30 5.20 6.66
CA VAL A 11 -14.15 5.69 7.38
C VAL A 11 -13.45 4.57 8.14
N THR A 12 -12.57 3.87 7.45
CA THR A 12 -11.70 2.91 8.09
C THR A 12 -10.32 3.52 8.26
N GLY A 13 -10.12 4.63 7.58
CA GLY A 13 -8.86 5.34 7.62
C GLY A 13 -8.84 6.42 6.57
N PRO A 14 -8.36 7.63 6.92
CA PRO A 14 -8.38 8.79 6.03
C PRO A 14 -7.71 8.49 4.70
N ASP A 15 -6.40 8.35 4.73
CA ASP A 15 -5.63 7.98 3.54
C ASP A 15 -5.52 6.47 3.43
N ALA A 16 -5.73 5.79 4.54
CA ALA A 16 -5.66 4.34 4.59
C ALA A 16 -6.68 3.71 3.66
N ASP A 17 -7.93 4.16 3.74
CA ASP A 17 -9.01 3.62 2.91
C ASP A 17 -8.69 3.77 1.43
N ARG A 18 -8.13 4.91 1.07
CA ARG A 18 -7.94 5.26 -0.33
C ARG A 18 -6.96 4.32 -1.00
N ALA A 19 -5.86 4.02 -0.32
CA ALA A 19 -4.85 3.13 -0.87
C ALA A 19 -5.21 1.66 -0.63
N ARG A 20 -5.95 1.40 0.43
CA ARG A 20 -6.36 0.04 0.77
C ARG A 20 -7.30 -0.51 -0.29
N ALA A 21 -8.15 0.36 -0.83
CA ALA A 21 -9.05 -0.01 -1.91
C ALA A 21 -8.28 -0.43 -3.16
N ALA A 22 -7.13 0.21 -3.37
CA ALA A 22 -6.26 -0.13 -4.49
C ALA A 22 -5.52 -1.43 -4.22
N ALA A 23 -5.17 -1.65 -2.95
CA ALA A 23 -4.51 -2.87 -2.52
C ALA A 23 -5.36 -4.09 -2.82
N VAL A 24 -6.60 -4.08 -2.33
CA VAL A 24 -7.51 -5.21 -2.53
C VAL A 24 -7.93 -5.32 -4.00
N GLN A 25 -7.60 -4.29 -4.78
CA GLN A 25 -7.91 -4.27 -6.20
C GLN A 25 -6.78 -4.93 -6.99
N ALA A 26 -5.58 -4.92 -6.42
CA ALA A 26 -4.39 -5.42 -7.10
C ALA A 26 -3.92 -6.74 -6.51
N VAL A 27 -4.80 -7.42 -5.79
CA VAL A 27 -4.47 -8.73 -5.23
C VAL A 27 -5.68 -9.67 -5.35
N PRO A 28 -5.49 -10.84 -5.98
CA PRO A 28 -6.57 -11.80 -6.16
C PRO A 28 -6.94 -12.53 -4.88
N GLY A 29 -7.77 -11.89 -4.06
CA GLY A 29 -8.25 -12.51 -2.85
C GLY A 29 -7.17 -12.66 -1.80
N GLY A 30 -6.19 -11.78 -1.82
CA GLY A 30 -5.11 -11.83 -0.85
C GLY A 30 -5.33 -10.85 0.29
N THR A 31 -4.44 -10.90 1.27
CA THR A 31 -4.57 -10.04 2.44
C THR A 31 -4.10 -8.61 2.13
N ALA A 32 -5.06 -7.71 2.00
CA ALA A 32 -4.76 -6.31 1.77
C ALA A 32 -4.80 -5.56 3.10
N GLY A 33 -3.69 -4.95 3.47
CA GLY A 33 -3.62 -4.28 4.74
C GLY A 33 -3.78 -2.78 4.61
N GLU A 34 -4.11 -2.13 5.71
CA GLU A 34 -4.25 -0.68 5.72
C GLU A 34 -2.89 -0.02 5.80
N VAL A 35 -2.80 1.18 5.25
CA VAL A 35 -1.52 1.85 5.09
C VAL A 35 -1.56 3.27 5.65
N GLU A 36 -0.40 3.78 6.01
CA GLU A 36 -0.26 5.17 6.39
C GLU A 36 0.53 5.91 5.33
N THR A 37 0.39 7.23 5.29
CA THR A 37 1.07 8.03 4.30
C THR A 37 2.56 8.13 4.60
N GLU A 38 3.38 7.54 3.74
CA GLU A 38 4.82 7.60 3.89
C GLU A 38 5.31 9.01 3.66
N THR A 39 6.26 9.44 4.47
CA THR A 39 6.73 10.82 4.40
C THR A 39 8.24 10.90 4.53
N GLY A 40 8.77 12.10 4.36
CA GLY A 40 10.20 12.29 4.49
C GLY A 40 10.84 12.73 3.20
N GLU A 41 11.69 11.89 2.66
CA GLU A 41 12.44 12.20 1.45
C GLU A 41 12.34 11.06 0.45
N GLY A 42 12.84 11.30 -0.75
CA GLY A 42 12.71 10.32 -1.80
C GLY A 42 11.62 10.71 -2.77
N ALA A 43 10.85 9.73 -3.23
CA ALA A 43 9.74 10.00 -4.12
C ALA A 43 8.45 9.37 -3.63
N ALA A 44 8.57 8.47 -2.65
CA ALA A 44 7.42 7.76 -2.14
C ALA A 44 6.60 8.64 -1.19
N ALA A 45 5.29 8.65 -1.39
CA ALA A 45 4.39 9.41 -0.55
C ALA A 45 3.23 8.55 -0.04
N TYR A 46 2.88 7.53 -0.82
CA TYR A 46 1.82 6.61 -0.43
C TYR A 46 2.28 5.18 -0.60
N GLY A 47 1.67 4.28 0.13
CA GLY A 47 2.05 2.89 0.06
C GLY A 47 0.86 1.97 -0.11
N VAL A 48 1.05 0.90 -0.86
CA VAL A 48 0.02 -0.10 -1.05
C VAL A 48 0.60 -1.48 -0.75
N LEU A 49 0.25 -2.05 0.40
CA LEU A 49 0.81 -3.34 0.78
C LEU A 49 -0.18 -4.46 0.53
N VAL A 50 0.24 -5.44 -0.25
CA VAL A 50 -0.59 -6.58 -0.57
C VAL A 50 0.11 -7.87 -0.20
N THR A 51 -0.51 -8.64 0.66
CA THR A 51 0.05 -9.90 1.10
C THR A 51 -0.48 -11.02 0.23
N ARG A 52 0.37 -11.50 -0.67
CA ARG A 52 0.01 -12.60 -1.55
C ARG A 52 -0.19 -13.86 -0.73
N PRO A 53 -1.21 -14.67 -1.06
CA PRO A 53 -1.53 -15.92 -0.33
C PRO A 53 -0.37 -16.90 -0.30
N ASP A 54 0.66 -16.60 -1.08
CA ASP A 54 1.87 -17.43 -1.12
C ASP A 54 2.70 -17.20 0.13
N GLY A 55 2.39 -16.15 0.86
CA GLY A 55 3.10 -15.86 2.09
C GLY A 55 4.18 -14.81 1.91
N THR A 56 3.93 -13.87 1.01
CA THR A 56 4.89 -12.81 0.74
C THR A 56 4.20 -11.45 0.77
N ARG A 57 4.89 -10.45 1.29
CA ARG A 57 4.30 -9.11 1.41
C ARG A 57 4.92 -8.18 0.39
N VAL A 58 4.09 -7.64 -0.49
CA VAL A 58 4.56 -6.72 -1.51
C VAL A 58 4.02 -5.32 -1.22
N GLU A 59 4.91 -4.39 -0.91
CA GLU A 59 4.51 -3.01 -0.67
C GLU A 59 4.86 -2.13 -1.86
N VAL A 60 3.83 -1.66 -2.53
CA VAL A 60 4.00 -0.80 -3.69
C VAL A 60 4.06 0.65 -3.26
N HIS A 61 5.13 1.33 -3.64
CA HIS A 61 5.36 2.70 -3.24
C HIS A 61 4.87 3.66 -4.31
N LEU A 62 3.97 4.55 -3.92
CA LEU A 62 3.37 5.51 -4.83
C LEU A 62 3.86 6.91 -4.55
N ASP A 63 3.82 7.77 -5.54
CA ASP A 63 4.19 9.16 -5.37
C ASP A 63 2.96 10.00 -5.02
N ARG A 64 3.10 11.31 -5.15
CA ARG A 64 2.05 12.26 -4.77
C ARG A 64 0.80 12.06 -5.62
N ASP A 65 0.99 11.60 -6.84
CA ASP A 65 -0.10 11.48 -7.80
C ASP A 65 -0.63 10.06 -7.87
N PHE A 66 -0.30 9.25 -6.86
CA PHE A 66 -0.84 7.90 -6.70
C PHE A 66 -0.32 6.96 -7.78
N ARG A 67 0.79 7.32 -8.41
CA ARG A 67 1.38 6.50 -9.45
C ARG A 67 2.39 5.52 -8.86
N VAL A 68 2.48 4.34 -9.47
CA VAL A 68 3.41 3.32 -9.02
C VAL A 68 4.85 3.75 -9.28
N LEU A 69 5.66 3.72 -8.23
CA LEU A 69 7.07 4.05 -8.35
C LEU A 69 7.93 2.82 -8.11
N ASP A 70 7.82 2.28 -6.90
CA ASP A 70 8.74 1.26 -6.45
C ASP A 70 8.00 0.07 -5.85
N THR A 71 8.48 -1.13 -6.14
CA THR A 71 7.84 -2.35 -5.65
C THR A 71 8.80 -3.12 -4.75
N GLU A 72 8.49 -3.15 -3.46
CA GLU A 72 9.35 -3.84 -2.50
C GLU A 72 8.66 -5.03 -1.87
N PRO A 73 9.21 -6.24 -2.09
CA PRO A 73 8.82 -7.43 -1.36
C PRO A 73 9.55 -7.49 -0.02
N ALA A 74 8.91 -6.98 1.02
CA ALA A 74 9.57 -6.83 2.32
C ALA A 74 8.79 -7.52 3.41
N ASP A 75 9.51 -8.04 4.40
CA ASP A 75 8.88 -8.68 5.54
C ASP A 75 9.05 -7.82 6.79
N GLY A 76 8.16 -7.98 7.76
CA GLY A 76 8.14 -7.10 8.90
C GLY A 76 8.92 -7.61 10.10
N ASP A 77 9.56 -8.77 9.96
CA ASP A 77 10.35 -9.32 11.06
C ASP A 77 11.75 -8.71 11.08
N GLY A 78 12.47 -8.86 9.99
CA GLY A 78 13.81 -8.34 9.90
C GLY A 78 14.84 -9.26 10.50
N GLY A 79 15.28 -8.96 11.72
CA GLY A 79 16.28 -9.78 12.38
C GLY A 79 16.71 -9.19 13.70
N LEU A 80 17.74 -9.78 14.30
CA LEU A 80 18.30 -9.27 15.54
C LEU A 80 19.67 -8.66 15.25
N GLU A 81 19.89 -7.43 15.73
CA GLU A 81 21.10 -6.66 15.42
C GLU A 81 21.10 -6.25 13.95
N GLY A 1 -4.53 9.90 -17.15
CA GLY A 1 -5.25 8.77 -16.53
C GLY A 1 -6.04 9.21 -15.33
N ALA A 2 -6.12 8.34 -14.33
CA ALA A 2 -6.82 8.66 -13.10
C ALA A 2 -6.06 8.07 -11.92
N MET A 3 -5.45 8.95 -11.14
CA MET A 3 -4.68 8.53 -9.99
C MET A 3 -5.61 8.07 -8.87
N ALA A 4 -5.14 7.17 -8.03
CA ALA A 4 -5.98 6.59 -6.99
C ALA A 4 -6.14 7.52 -5.80
N PHE A 5 -6.81 8.64 -6.03
CA PHE A 5 -7.16 9.55 -4.96
C PHE A 5 -8.66 9.57 -4.78
N ASP A 6 -9.20 8.39 -4.52
CA ASP A 6 -10.62 8.23 -4.30
C ASP A 6 -10.85 7.00 -3.43
N GLY A 7 -11.42 7.23 -2.26
CA GLY A 7 -11.68 6.15 -1.34
C GLY A 7 -12.86 6.43 -0.46
N GLU A 8 -13.49 5.38 0.04
CA GLU A 8 -14.68 5.52 0.87
C GLU A 8 -14.33 5.86 2.31
N ASP A 9 -15.33 6.28 3.04
CA ASP A 9 -15.16 6.79 4.41
C ASP A 9 -15.31 5.66 5.44
N GLU A 10 -15.50 4.44 4.94
CA GLU A 10 -15.78 3.29 5.80
C GLU A 10 -14.52 2.71 6.43
N VAL A 11 -13.47 3.52 6.51
CA VAL A 11 -12.22 3.11 7.12
C VAL A 11 -11.75 4.16 8.13
N THR A 12 -10.69 3.85 8.85
CA THR A 12 -10.11 4.79 9.78
C THR A 12 -8.99 5.55 9.08
N GLY A 13 -9.28 6.78 8.68
CA GLY A 13 -8.37 7.50 7.82
C GLY A 13 -8.58 7.10 6.38
N PRO A 14 -9.43 7.82 5.63
CA PRO A 14 -9.84 7.43 4.28
C PRO A 14 -8.68 7.30 3.29
N ASP A 15 -7.51 7.79 3.64
CA ASP A 15 -6.34 7.65 2.78
C ASP A 15 -5.86 6.22 2.80
N ALA A 16 -6.33 5.48 3.79
CA ALA A 16 -6.10 4.05 3.84
C ALA A 16 -6.86 3.36 2.73
N ASP A 17 -8.01 3.92 2.36
CA ASP A 17 -8.90 3.27 1.40
C ASP A 17 -8.48 3.57 -0.03
N ARG A 18 -7.84 4.72 -0.25
CA ARG A 18 -7.39 5.10 -1.60
C ARG A 18 -6.52 4.00 -2.19
N ALA A 19 -5.48 3.64 -1.45
CA ALA A 19 -4.51 2.65 -1.89
C ALA A 19 -5.03 1.24 -1.64
N ARG A 20 -5.98 1.11 -0.72
CA ARG A 20 -6.58 -0.19 -0.41
C ARG A 20 -7.39 -0.70 -1.60
N ALA A 21 -8.04 0.23 -2.31
CA ALA A 21 -8.77 -0.11 -3.53
C ALA A 21 -7.81 -0.61 -4.61
N ALA A 22 -6.58 -0.12 -4.57
CA ALA A 22 -5.55 -0.57 -5.48
C ALA A 22 -4.97 -1.91 -5.02
N ALA A 23 -4.83 -2.06 -3.72
CA ALA A 23 -4.31 -3.28 -3.12
C ALA A 23 -5.12 -4.50 -3.52
N VAL A 24 -6.44 -4.40 -3.40
CA VAL A 24 -7.32 -5.52 -3.71
C VAL A 24 -7.28 -5.86 -5.22
N GLN A 25 -6.81 -4.92 -6.03
CA GLN A 25 -6.67 -5.15 -7.46
C GLN A 25 -5.27 -5.65 -7.78
N ALA A 26 -4.33 -5.42 -6.87
CA ALA A 26 -2.94 -5.80 -7.08
C ALA A 26 -2.69 -7.24 -6.67
N VAL A 27 -3.43 -7.72 -5.67
CA VAL A 27 -3.30 -9.09 -5.21
C VAL A 27 -4.60 -9.86 -5.43
N PRO A 28 -4.55 -10.95 -6.22
CA PRO A 28 -5.73 -11.73 -6.56
C PRO A 28 -6.29 -12.50 -5.36
N GLY A 29 -7.40 -12.01 -4.82
CA GLY A 29 -8.05 -12.67 -3.70
C GLY A 29 -7.20 -12.68 -2.44
N GLY A 30 -6.32 -11.70 -2.34
CA GLY A 30 -5.42 -11.63 -1.20
C GLY A 30 -5.93 -10.71 -0.12
N THR A 31 -5.13 -10.49 0.89
CA THR A 31 -5.51 -9.64 1.99
C THR A 31 -5.11 -8.19 1.73
N ALA A 32 -6.10 -7.35 1.53
CA ALA A 32 -5.88 -5.93 1.33
C ALA A 32 -6.09 -5.19 2.64
N GLY A 33 -4.99 -4.85 3.30
CA GLY A 33 -5.09 -4.21 4.60
C GLY A 33 -5.14 -2.72 4.49
N GLU A 34 -5.60 -2.07 5.56
CA GLU A 34 -5.67 -0.62 5.60
C GLU A 34 -4.26 -0.04 5.68
N VAL A 35 -3.96 0.89 4.78
CA VAL A 35 -2.62 1.43 4.65
C VAL A 35 -2.52 2.82 5.26
N GLU A 36 -1.32 3.20 5.68
CA GLU A 36 -1.10 4.52 6.25
C GLU A 36 -0.33 5.39 5.25
N THR A 37 -0.48 6.70 5.39
CA THR A 37 0.27 7.62 4.57
C THR A 37 1.71 7.72 5.09
N GLU A 38 2.66 7.21 4.31
CA GLU A 38 4.06 7.23 4.71
C GLU A 38 4.66 8.61 4.49
N THR A 39 4.98 9.29 5.58
CA THR A 39 5.57 10.60 5.50
C THR A 39 6.96 10.60 6.13
N GLY A 40 7.95 11.03 5.37
CA GLY A 40 9.30 11.05 5.87
C GLY A 40 10.31 11.36 4.79
N GLU A 41 11.13 10.36 4.45
CA GLU A 41 12.21 10.54 3.51
C GLU A 41 11.98 9.75 2.22
N GLY A 42 12.75 10.07 1.19
CA GLY A 42 12.61 9.37 -0.08
C GLY A 42 11.48 9.94 -0.90
N ALA A 43 10.87 9.09 -1.73
CA ALA A 43 9.75 9.50 -2.56
C ALA A 43 8.52 8.67 -2.23
N ALA A 44 8.63 7.83 -1.22
CA ALA A 44 7.53 6.97 -0.82
C ALA A 44 6.58 7.72 0.11
N ALA A 45 5.46 8.13 -0.44
CA ALA A 45 4.46 8.87 0.33
C ALA A 45 3.28 7.99 0.70
N TYR A 46 3.19 6.84 0.07
CA TYR A 46 2.12 5.89 0.34
C TYR A 46 2.65 4.46 0.29
N GLY A 47 2.27 3.68 1.30
CA GLY A 47 2.68 2.28 1.34
C GLY A 47 1.50 1.36 1.23
N VAL A 48 1.43 0.61 0.15
CA VAL A 48 0.33 -0.32 -0.08
C VAL A 48 0.74 -1.72 0.37
N LEU A 49 0.06 -2.26 1.37
CA LEU A 49 0.41 -3.58 1.87
C LEU A 49 -0.49 -4.63 1.26
N VAL A 50 0.06 -5.43 0.36
CA VAL A 50 -0.69 -6.47 -0.31
C VAL A 50 -0.22 -7.85 0.15
N THR A 51 -1.05 -8.50 0.94
CA THR A 51 -0.70 -9.81 1.47
C THR A 51 -1.29 -10.91 0.60
N ARG A 52 -0.43 -11.68 -0.04
CA ARG A 52 -0.85 -12.82 -0.83
C ARG A 52 -1.34 -13.92 0.10
N PRO A 53 -2.34 -14.70 -0.31
CA PRO A 53 -2.89 -15.81 0.50
C PRO A 53 -1.85 -16.92 0.70
N ASP A 54 -0.69 -16.76 0.09
CA ASP A 54 0.41 -17.69 0.25
C ASP A 54 1.21 -17.38 1.52
N GLY A 55 0.77 -16.36 2.26
CA GLY A 55 1.42 -16.02 3.50
C GLY A 55 2.59 -15.08 3.31
N THR A 56 2.48 -14.20 2.33
CA THR A 56 3.56 -13.26 2.04
C THR A 56 3.01 -11.86 1.79
N ARG A 57 3.54 -10.90 2.54
CA ARG A 57 3.10 -9.50 2.44
C ARG A 57 4.14 -8.68 1.67
N VAL A 58 3.67 -7.99 0.63
CA VAL A 58 4.55 -7.16 -0.17
C VAL A 58 4.18 -5.69 -0.01
N GLU A 59 5.19 -4.85 0.21
CA GLU A 59 4.98 -3.42 0.38
C GLU A 59 5.13 -2.70 -0.95
N VAL A 60 4.03 -2.24 -1.49
CA VAL A 60 4.05 -1.47 -2.72
C VAL A 60 4.21 0.01 -2.39
N HIS A 61 5.38 0.55 -2.67
CA HIS A 61 5.66 1.93 -2.33
C HIS A 61 5.28 2.85 -3.47
N LEU A 62 4.48 3.85 -3.16
CA LEU A 62 3.97 4.78 -4.14
C LEU A 62 4.50 6.19 -3.89
N ASP A 63 4.47 7.00 -4.93
CA ASP A 63 4.94 8.38 -4.88
C ASP A 63 3.79 9.32 -4.47
N ARG A 64 4.13 10.58 -4.27
CA ARG A 64 3.16 11.61 -3.88
C ARG A 64 2.03 11.73 -4.91
N ASP A 65 2.34 11.42 -6.16
CA ASP A 65 1.36 11.47 -7.24
C ASP A 65 0.64 10.12 -7.37
N PHE A 66 0.95 9.22 -6.43
CA PHE A 66 0.43 7.85 -6.43
C PHE A 66 1.04 7.03 -7.56
N ARG A 67 2.19 7.47 -8.02
CA ARG A 67 2.94 6.74 -9.04
C ARG A 67 3.68 5.58 -8.40
N VAL A 68 3.58 4.40 -9.01
CA VAL A 68 4.22 3.21 -8.47
C VAL A 68 5.74 3.34 -8.50
N LEU A 69 6.38 3.03 -7.38
CA LEU A 69 7.82 3.10 -7.30
C LEU A 69 8.43 1.71 -7.40
N ASP A 70 8.13 0.85 -6.43
CA ASP A 70 8.71 -0.50 -6.40
C ASP A 70 7.96 -1.35 -5.39
N THR A 71 8.32 -2.63 -5.31
CA THR A 71 7.64 -3.56 -4.41
C THR A 71 8.63 -4.49 -3.73
N GLU A 72 8.75 -4.38 -2.41
CA GLU A 72 9.56 -5.28 -1.63
C GLU A 72 8.73 -5.91 -0.51
N PRO A 73 8.91 -7.21 -0.24
CA PRO A 73 8.18 -7.90 0.81
C PRO A 73 8.59 -7.45 2.21
N ALA A 74 7.67 -7.54 3.16
CA ALA A 74 7.93 -7.08 4.52
C ALA A 74 8.34 -8.23 5.43
N ASP A 75 9.59 -8.23 5.86
CA ASP A 75 10.09 -9.21 6.81
C ASP A 75 11.01 -8.52 7.81
N GLY A 76 10.55 -8.44 9.06
CA GLY A 76 11.28 -7.66 10.06
C GLY A 76 11.97 -8.50 11.10
N ASP A 77 12.84 -9.40 10.67
CA ASP A 77 13.68 -10.14 11.60
C ASP A 77 15.04 -9.47 11.67
N GLY A 78 15.60 -9.19 10.50
CA GLY A 78 16.86 -8.49 10.40
C GLY A 78 16.76 -7.36 9.40
N GLY A 79 15.80 -6.48 9.61
CA GLY A 79 15.58 -5.39 8.68
C GLY A 79 16.54 -4.25 8.90
N LEU A 80 17.78 -4.45 8.51
CA LEU A 80 18.81 -3.44 8.62
C LEU A 80 19.35 -3.09 7.25
N GLU A 81 19.66 -1.83 7.04
CA GLU A 81 20.17 -1.38 5.76
C GLU A 81 21.37 -0.47 6.01
N GLY A 1 -5.26 4.70 -16.12
CA GLY A 1 -4.75 5.32 -14.86
C GLY A 1 -5.89 5.81 -13.98
N ALA A 2 -6.19 5.05 -12.95
CA ALA A 2 -7.28 5.41 -12.05
C ALA A 2 -6.74 5.84 -10.69
N MET A 3 -6.91 7.11 -10.37
CA MET A 3 -6.44 7.64 -9.10
C MET A 3 -7.47 7.38 -8.01
N ALA A 4 -7.15 6.47 -7.11
CA ALA A 4 -8.05 6.08 -6.05
C ALA A 4 -7.97 7.05 -4.88
N PHE A 5 -8.79 8.09 -4.93
CA PHE A 5 -8.87 9.04 -3.83
C PHE A 5 -10.28 9.03 -3.25
N ASP A 6 -10.69 7.86 -2.79
CA ASP A 6 -12.00 7.68 -2.18
C ASP A 6 -11.91 6.62 -1.09
N GLY A 7 -12.69 6.80 -0.04
CA GLY A 7 -12.69 5.84 1.05
C GLY A 7 -13.71 6.19 2.10
N GLU A 8 -14.01 5.24 2.98
CA GLU A 8 -14.98 5.47 4.04
C GLU A 8 -14.31 6.15 5.23
N ASP A 9 -15.11 6.74 6.10
CA ASP A 9 -14.59 7.55 7.18
C ASP A 9 -14.47 6.74 8.48
N GLU A 10 -15.04 5.55 8.48
CA GLU A 10 -15.05 4.73 9.70
C GLU A 10 -13.78 3.91 9.87
N VAL A 11 -12.82 4.11 8.98
CA VAL A 11 -11.51 3.49 9.14
C VAL A 11 -10.61 4.42 9.94
N THR A 12 -9.57 3.87 10.54
CA THR A 12 -8.70 4.65 11.39
C THR A 12 -7.51 5.18 10.59
N GLY A 13 -7.05 4.39 9.63
CA GLY A 13 -6.00 4.85 8.74
C GLY A 13 -6.55 5.70 7.62
N PRO A 14 -6.29 7.02 7.62
CA PRO A 14 -6.86 7.93 6.63
C PRO A 14 -6.38 7.62 5.22
N ASP A 15 -5.09 7.79 4.97
CA ASP A 15 -4.50 7.50 3.67
C ASP A 15 -4.43 6.01 3.43
N ALA A 16 -4.51 5.24 4.52
CA ALA A 16 -4.42 3.80 4.47
C ALA A 16 -5.47 3.17 3.57
N ASP A 17 -6.72 3.64 3.68
CA ASP A 17 -7.82 3.01 2.96
C ASP A 17 -7.70 3.17 1.45
N ARG A 18 -7.55 4.41 0.97
CA ARG A 18 -7.47 4.65 -0.47
C ARG A 18 -6.24 3.99 -1.07
N ALA A 19 -5.16 3.91 -0.30
CA ALA A 19 -3.95 3.24 -0.73
C ALA A 19 -4.20 1.73 -0.82
N ARG A 20 -4.85 1.21 0.21
CA ARG A 20 -5.21 -0.20 0.28
C ARG A 20 -6.13 -0.58 -0.87
N ALA A 21 -7.15 0.24 -1.11
CA ALA A 21 -8.14 -0.02 -2.15
C ALA A 21 -7.51 -0.06 -3.53
N ALA A 22 -6.54 0.82 -3.77
CA ALA A 22 -5.87 0.89 -5.06
C ALA A 22 -5.10 -0.40 -5.35
N ALA A 23 -4.50 -0.96 -4.32
CA ALA A 23 -3.65 -2.14 -4.47
C ALA A 23 -4.46 -3.43 -4.60
N VAL A 24 -5.75 -3.37 -4.24
CA VAL A 24 -6.62 -4.55 -4.32
C VAL A 24 -6.68 -5.10 -5.74
N GLN A 25 -6.71 -4.19 -6.72
CA GLN A 25 -6.79 -4.59 -8.13
C GLN A 25 -5.48 -5.22 -8.59
N ALA A 26 -4.43 -5.08 -7.79
CA ALA A 26 -3.12 -5.60 -8.15
C ALA A 26 -2.84 -6.92 -7.45
N VAL A 27 -3.89 -7.52 -6.87
CA VAL A 27 -3.76 -8.82 -6.23
C VAL A 27 -5.08 -9.60 -6.34
N PRO A 28 -5.06 -10.72 -7.08
CA PRO A 28 -6.25 -11.53 -7.31
C PRO A 28 -6.70 -12.28 -6.04
N GLY A 29 -7.62 -11.67 -5.31
CA GLY A 29 -8.17 -12.29 -4.12
C GLY A 29 -7.13 -12.48 -3.02
N GLY A 30 -6.31 -11.46 -2.80
CA GLY A 30 -5.26 -11.57 -1.82
C GLY A 30 -5.51 -10.70 -0.61
N THR A 31 -4.53 -10.62 0.27
CA THR A 31 -4.63 -9.85 1.49
C THR A 31 -4.10 -8.44 1.30
N ALA A 32 -5.00 -7.47 1.41
CA ALA A 32 -4.63 -6.05 1.32
C ALA A 32 -4.83 -5.39 2.68
N GLY A 33 -3.75 -4.85 3.23
CA GLY A 33 -3.81 -4.30 4.57
C GLY A 33 -3.65 -2.80 4.58
N GLU A 34 -4.06 -2.18 5.68
CA GLU A 34 -3.94 -0.73 5.85
C GLU A 34 -2.47 -0.35 5.96
N VAL A 35 -2.09 0.73 5.29
CA VAL A 35 -0.69 1.13 5.21
C VAL A 35 -0.55 2.63 5.47
N GLU A 36 0.63 3.03 5.94
CA GLU A 36 0.92 4.43 6.21
C GLU A 36 1.86 4.98 5.15
N THR A 37 1.90 6.30 5.02
CA THR A 37 2.69 6.96 4.00
C THR A 37 4.19 6.85 4.30
N GLU A 38 4.99 6.81 3.24
CA GLU A 38 6.43 6.71 3.35
C GLU A 38 7.03 8.07 3.66
N THR A 39 7.28 8.33 4.94
CA THR A 39 7.84 9.59 5.37
C THR A 39 9.36 9.52 5.36
N GLY A 40 9.98 10.35 4.54
CA GLY A 40 11.43 10.38 4.45
C GLY A 40 11.92 10.86 3.11
N GLU A 41 12.95 10.22 2.59
CA GLU A 41 13.55 10.60 1.33
C GLU A 41 12.99 9.77 0.18
N GLY A 42 13.43 10.07 -1.03
CA GLY A 42 13.00 9.33 -2.18
C GLY A 42 11.94 10.07 -2.98
N ALA A 43 11.31 9.37 -3.91
CA ALA A 43 10.24 9.95 -4.71
C ALA A 43 8.92 9.24 -4.45
N ALA A 44 8.93 8.37 -3.44
CA ALA A 44 7.73 7.62 -3.09
C ALA A 44 6.91 8.37 -2.05
N ALA A 45 5.70 7.89 -1.78
CA ALA A 45 4.83 8.54 -0.82
C ALA A 45 3.92 7.54 -0.12
N TYR A 46 3.47 6.52 -0.84
CA TYR A 46 2.58 5.51 -0.26
C TYR A 46 3.19 4.12 -0.46
N GLY A 47 3.24 3.33 0.59
CA GLY A 47 3.72 1.98 0.46
C GLY A 47 2.65 0.99 0.89
N VAL A 48 2.13 0.22 -0.06
CA VAL A 48 1.02 -0.67 0.23
C VAL A 48 1.47 -2.13 0.21
N LEU A 49 1.19 -2.85 1.28
CA LEU A 49 1.53 -4.25 1.37
C LEU A 49 0.41 -5.10 0.77
N VAL A 50 0.78 -6.02 -0.10
CA VAL A 50 -0.18 -6.93 -0.70
C VAL A 50 0.31 -8.37 -0.62
N THR A 51 -0.40 -9.17 0.15
CA THR A 51 -0.02 -10.54 0.39
C THR A 51 -0.77 -11.49 -0.53
N ARG A 52 -0.02 -12.27 -1.30
CA ARG A 52 -0.62 -13.32 -2.09
C ARG A 52 -1.00 -14.47 -1.17
N PRO A 53 -2.16 -15.10 -1.40
CA PRO A 53 -2.67 -16.18 -0.55
C PRO A 53 -1.83 -17.46 -0.66
N ASP A 54 -0.62 -17.34 -1.16
CA ASP A 54 0.28 -18.47 -1.26
C ASP A 54 1.43 -18.33 -0.27
N GLY A 55 1.60 -17.13 0.26
CA GLY A 55 2.66 -16.88 1.21
C GLY A 55 3.60 -15.79 0.77
N THR A 56 3.58 -15.49 -0.53
CA THR A 56 4.42 -14.45 -1.09
C THR A 56 3.82 -13.07 -0.84
N ARG A 57 4.53 -12.28 -0.07
CA ARG A 57 4.07 -10.96 0.32
C ARG A 57 4.97 -9.88 -0.24
N VAL A 58 4.41 -8.99 -1.04
CA VAL A 58 5.17 -7.91 -1.65
C VAL A 58 4.56 -6.57 -1.30
N GLU A 59 5.32 -5.51 -1.48
CA GLU A 59 4.83 -4.17 -1.22
C GLU A 59 4.95 -3.31 -2.47
N VAL A 60 3.89 -2.60 -2.78
CA VAL A 60 3.87 -1.73 -3.94
C VAL A 60 4.10 -0.29 -3.51
N HIS A 61 5.15 0.31 -4.01
CA HIS A 61 5.49 1.68 -3.65
C HIS A 61 4.86 2.66 -4.63
N LEU A 62 4.05 3.54 -4.10
CA LEU A 62 3.24 4.45 -4.88
C LEU A 62 3.69 5.90 -4.67
N ASP A 63 3.37 6.72 -5.65
CA ASP A 63 3.67 8.15 -5.59
C ASP A 63 2.51 8.90 -4.97
N ARG A 64 2.71 10.18 -4.70
CA ARG A 64 1.72 11.04 -4.07
C ARG A 64 0.34 10.95 -4.74
N ASP A 65 0.32 10.98 -6.06
CA ASP A 65 -0.94 10.87 -6.80
C ASP A 65 -1.20 9.44 -7.23
N PHE A 66 -0.63 8.50 -6.49
CA PHE A 66 -0.87 7.07 -6.68
C PHE A 66 -0.30 6.55 -8.00
N ARG A 67 0.80 7.12 -8.45
CA ARG A 67 1.54 6.55 -9.56
C ARG A 67 2.36 5.37 -9.06
N VAL A 68 2.21 4.21 -9.70
CA VAL A 68 2.96 3.03 -9.30
C VAL A 68 4.43 3.20 -9.65
N LEU A 69 5.28 3.13 -8.63
CA LEU A 69 6.72 3.31 -8.84
C LEU A 69 7.42 1.97 -8.97
N ASP A 70 7.36 1.17 -7.94
CA ASP A 70 8.09 -0.10 -7.91
C ASP A 70 7.37 -1.12 -7.05
N THR A 71 7.82 -2.35 -7.10
CA THR A 71 7.20 -3.42 -6.34
C THR A 71 8.26 -4.46 -5.93
N GLU A 72 8.48 -4.58 -4.63
CA GLU A 72 9.46 -5.52 -4.11
C GLU A 72 8.86 -6.32 -2.96
N PRO A 73 9.44 -7.49 -2.63
CA PRO A 73 8.96 -8.34 -1.53
C PRO A 73 8.99 -7.63 -0.18
N ALA A 74 8.00 -7.90 0.64
CA ALA A 74 7.88 -7.26 1.94
C ALA A 74 7.80 -8.30 3.04
N ASP A 75 8.72 -8.24 3.99
CA ASP A 75 8.73 -9.17 5.10
C ASP A 75 9.20 -8.48 6.36
N GLY A 76 8.29 -8.31 7.31
CA GLY A 76 8.64 -7.70 8.58
C GLY A 76 9.53 -8.60 9.40
N ASP A 77 10.83 -8.47 9.19
CA ASP A 77 11.82 -9.31 9.86
C ASP A 77 11.78 -9.10 11.37
N GLY A 78 11.53 -7.88 11.79
CA GLY A 78 11.40 -7.60 13.20
C GLY A 78 11.56 -6.13 13.54
N GLY A 79 12.52 -5.48 12.90
CA GLY A 79 12.84 -4.10 13.22
C GLY A 79 11.77 -3.13 12.74
N LEU A 80 11.24 -2.36 13.68
CA LEU A 80 10.28 -1.31 13.36
C LEU A 80 10.81 0.03 13.89
N GLU A 81 11.05 0.96 12.98
CA GLU A 81 11.63 2.24 13.35
C GLU A 81 10.71 3.40 12.97
N GLY A 1 -5.60 6.84 -17.45
CA GLY A 1 -5.43 6.38 -16.06
C GLY A 1 -5.94 7.39 -15.07
N ALA A 2 -6.32 6.93 -13.88
CA ALA A 2 -6.87 7.80 -12.86
C ALA A 2 -5.95 7.87 -11.65
N MET A 3 -5.78 9.07 -11.13
CA MET A 3 -5.00 9.27 -9.91
C MET A 3 -5.93 9.18 -8.71
N ALA A 4 -5.71 8.18 -7.88
CA ALA A 4 -6.63 7.88 -6.78
C ALA A 4 -6.45 8.85 -5.62
N PHE A 5 -7.07 10.02 -5.73
CA PHE A 5 -7.08 10.98 -4.64
C PHE A 5 -8.53 11.27 -4.27
N ASP A 6 -9.22 10.22 -3.91
CA ASP A 6 -10.62 10.26 -3.58
C ASP A 6 -10.89 9.19 -2.53
N GLY A 7 -12.03 8.52 -2.58
CA GLY A 7 -12.25 7.42 -1.68
C GLY A 7 -13.72 7.07 -1.56
N GLU A 8 -14.01 6.01 -0.82
CA GLU A 8 -15.38 5.60 -0.57
C GLU A 8 -15.94 6.39 0.60
N ASP A 9 -17.18 6.12 0.98
CA ASP A 9 -17.77 6.81 2.12
C ASP A 9 -17.54 6.00 3.38
N GLU A 10 -17.05 4.79 3.20
CA GLU A 10 -16.69 3.93 4.32
C GLU A 10 -15.29 4.27 4.79
N VAL A 11 -15.07 5.54 5.08
CA VAL A 11 -13.75 6.05 5.42
C VAL A 11 -13.16 5.37 6.66
N THR A 12 -12.35 4.37 6.42
CA THR A 12 -11.63 3.69 7.47
C THR A 12 -10.25 4.32 7.61
N GLY A 13 -9.82 4.98 6.55
CA GLY A 13 -8.56 5.68 6.54
C GLY A 13 -8.58 6.83 5.57
N PRO A 14 -7.93 7.95 5.90
CA PRO A 14 -7.91 9.15 5.04
C PRO A 14 -7.27 8.85 3.69
N ASP A 15 -5.96 8.61 3.69
CA ASP A 15 -5.26 8.25 2.47
C ASP A 15 -5.27 6.74 2.31
N ALA A 16 -5.45 6.06 3.43
CA ALA A 16 -5.50 4.60 3.46
C ALA A 16 -6.61 4.06 2.56
N ASP A 17 -7.74 4.76 2.53
CA ASP A 17 -8.93 4.31 1.80
C ASP A 17 -8.60 4.05 0.32
N ARG A 18 -8.09 5.08 -0.37
CA ARG A 18 -7.80 4.96 -1.80
C ARG A 18 -6.64 4.01 -2.07
N ALA A 19 -5.63 4.03 -1.19
CA ALA A 19 -4.45 3.20 -1.37
C ALA A 19 -4.80 1.72 -1.21
N ARG A 20 -5.62 1.43 -0.20
CA ARG A 20 -6.03 0.06 0.06
C ARG A 20 -7.01 -0.42 -1.02
N ALA A 21 -7.87 0.47 -1.49
CA ALA A 21 -8.85 0.14 -2.52
C ALA A 21 -8.17 -0.19 -3.85
N ALA A 22 -6.97 0.31 -4.05
CA ALA A 22 -6.22 0.07 -5.27
C ALA A 22 -5.53 -1.29 -5.23
N ALA A 23 -5.16 -1.72 -4.02
CA ALA A 23 -4.40 -2.95 -3.83
C ALA A 23 -5.17 -4.18 -4.31
N VAL A 24 -6.49 -4.14 -4.21
CA VAL A 24 -7.32 -5.29 -4.54
C VAL A 24 -7.31 -5.59 -6.05
N GLN A 25 -6.83 -4.64 -6.84
CA GLN A 25 -6.67 -4.87 -8.28
C GLN A 25 -5.33 -5.55 -8.57
N ALA A 26 -4.34 -5.24 -7.75
CA ALA A 26 -2.98 -5.75 -7.96
C ALA A 26 -2.85 -7.18 -7.45
N VAL A 27 -3.59 -7.51 -6.40
CA VAL A 27 -3.52 -8.84 -5.82
C VAL A 27 -4.82 -9.60 -6.07
N PRO A 28 -4.73 -10.87 -6.50
CA PRO A 28 -5.89 -11.71 -6.75
C PRO A 28 -6.41 -12.35 -5.47
N GLY A 29 -7.47 -11.77 -4.92
CA GLY A 29 -8.04 -12.28 -3.69
C GLY A 29 -7.06 -12.21 -2.53
N GLY A 30 -6.30 -11.13 -2.47
CA GLY A 30 -5.32 -10.98 -1.43
C GLY A 30 -5.74 -10.02 -0.35
N THR A 31 -5.01 -10.01 0.74
CA THR A 31 -5.34 -9.16 1.87
C THR A 31 -4.84 -7.74 1.67
N ALA A 32 -5.77 -6.85 1.38
CA ALA A 32 -5.48 -5.43 1.36
C ALA A 32 -5.69 -4.85 2.76
N GLY A 33 -4.61 -4.44 3.39
CA GLY A 33 -4.67 -3.97 4.76
C GLY A 33 -4.65 -2.46 4.88
N GLU A 34 -5.06 -1.95 6.03
CA GLU A 34 -5.02 -0.52 6.29
C GLU A 34 -3.59 0.00 6.23
N VAL A 35 -3.29 0.72 5.17
CA VAL A 35 -1.95 1.22 4.94
C VAL A 35 -1.77 2.60 5.54
N GLU A 36 -0.56 2.91 5.96
CA GLU A 36 -0.25 4.21 6.51
C GLU A 36 0.59 5.02 5.54
N THR A 37 0.44 6.33 5.58
CA THR A 37 1.21 7.21 4.72
C THR A 37 2.65 7.33 5.22
N GLU A 38 3.59 7.16 4.31
CA GLU A 38 4.99 7.25 4.65
C GLU A 38 5.51 8.65 4.36
N THR A 39 6.24 9.20 5.31
CA THR A 39 6.99 10.41 5.07
C THR A 39 8.39 10.04 4.60
N GLY A 40 8.73 10.43 3.38
CA GLY A 40 10.00 10.04 2.81
C GLY A 40 10.55 11.05 1.85
N GLU A 41 11.40 11.94 2.38
CA GLU A 41 12.09 12.92 1.56
C GLU A 41 12.77 12.22 0.39
N GLY A 42 12.30 12.53 -0.81
CA GLY A 42 12.84 11.90 -1.99
C GLY A 42 11.77 11.60 -3.01
N ALA A 43 10.73 10.87 -2.61
CA ALA A 43 9.66 10.47 -3.52
C ALA A 43 8.53 9.74 -2.79
N ALA A 44 8.89 8.92 -1.81
CA ALA A 44 7.92 8.09 -1.11
C ALA A 44 6.85 8.92 -0.41
N ALA A 45 5.59 8.55 -0.65
CA ALA A 45 4.46 9.23 -0.03
C ALA A 45 3.40 8.23 0.40
N TYR A 46 3.21 7.19 -0.40
CA TYR A 46 2.24 6.15 -0.10
C TYR A 46 2.91 4.78 -0.08
N GLY A 47 2.61 3.99 0.94
CA GLY A 47 3.11 2.64 1.00
C GLY A 47 1.97 1.64 1.16
N VAL A 48 1.77 0.82 0.13
CA VAL A 48 0.68 -0.13 0.13
C VAL A 48 1.16 -1.53 0.49
N LEU A 49 0.75 -2.02 1.65
CA LEU A 49 1.13 -3.36 2.06
C LEU A 49 0.15 -4.39 1.49
N VAL A 50 0.68 -5.26 0.65
CA VAL A 50 -0.14 -6.26 -0.01
C VAL A 50 0.18 -7.65 0.53
N THR A 51 -0.79 -8.26 1.18
CA THR A 51 -0.61 -9.59 1.74
C THR A 51 -1.17 -10.63 0.77
N ARG A 52 -0.27 -11.33 0.09
CA ARG A 52 -0.67 -12.42 -0.79
C ARG A 52 -1.23 -13.56 0.05
N PRO A 53 -2.32 -14.20 -0.41
CA PRO A 53 -2.99 -15.29 0.33
C PRO A 53 -2.07 -16.49 0.57
N ASP A 54 -0.89 -16.45 -0.04
CA ASP A 54 0.13 -17.48 0.18
C ASP A 54 0.78 -17.30 1.55
N GLY A 55 0.56 -16.15 2.16
CA GLY A 55 1.14 -15.90 3.46
C GLY A 55 2.40 -15.05 3.41
N THR A 56 2.45 -14.13 2.46
CA THR A 56 3.61 -13.28 2.29
C THR A 56 3.21 -11.81 2.16
N ARG A 57 4.01 -10.93 2.75
CA ARG A 57 3.73 -9.50 2.73
C ARG A 57 4.74 -8.75 1.86
N VAL A 58 4.23 -8.04 0.87
CA VAL A 58 5.06 -7.22 0.02
C VAL A 58 4.50 -5.79 -0.02
N GLU A 59 5.35 -4.79 0.03
CA GLU A 59 4.89 -3.42 0.05
C GLU A 59 5.17 -2.73 -1.27
N VAL A 60 4.18 -1.99 -1.76
CA VAL A 60 4.31 -1.26 -2.99
C VAL A 60 4.44 0.23 -2.69
N HIS A 61 5.58 0.79 -3.08
CA HIS A 61 5.85 2.20 -2.80
C HIS A 61 5.34 3.10 -3.91
N LEU A 62 4.53 4.07 -3.52
CA LEU A 62 3.94 5.02 -4.45
C LEU A 62 4.43 6.44 -4.11
N ASP A 63 4.58 7.28 -5.12
CA ASP A 63 4.99 8.66 -4.91
C ASP A 63 3.78 9.57 -4.73
N ARG A 64 4.01 10.87 -4.79
CA ARG A 64 2.96 11.87 -4.59
C ARG A 64 1.79 11.66 -5.53
N ASP A 65 2.08 11.28 -6.77
CA ASP A 65 1.03 11.14 -7.79
C ASP A 65 0.43 9.74 -7.81
N PHE A 66 0.67 8.98 -6.74
CA PHE A 66 0.12 7.63 -6.60
C PHE A 66 0.72 6.69 -7.63
N ARG A 67 1.88 7.05 -8.16
CA ARG A 67 2.54 6.23 -9.16
C ARG A 67 3.45 5.20 -8.49
N VAL A 68 3.37 3.97 -8.97
CA VAL A 68 4.22 2.90 -8.47
C VAL A 68 5.70 3.21 -8.69
N LEU A 69 6.43 3.36 -7.60
CA LEU A 69 7.85 3.60 -7.65
C LEU A 69 8.58 2.27 -7.77
N ASP A 70 8.21 1.33 -6.90
CA ASP A 70 8.82 0.01 -6.89
C ASP A 70 8.01 -0.89 -5.96
N THR A 71 8.43 -2.14 -5.82
CA THR A 71 7.72 -3.09 -4.99
C THR A 71 8.71 -4.05 -4.33
N GLU A 72 8.90 -3.90 -3.02
CA GLU A 72 9.84 -4.74 -2.30
C GLU A 72 9.14 -5.50 -1.18
N PRO A 73 9.61 -6.72 -0.88
CA PRO A 73 9.04 -7.56 0.18
C PRO A 73 9.19 -6.93 1.56
N ALA A 74 8.11 -6.91 2.31
CA ALA A 74 8.12 -6.30 3.63
C ALA A 74 8.07 -7.37 4.71
N ASP A 75 9.21 -7.68 5.29
CA ASP A 75 9.29 -8.69 6.33
C ASP A 75 9.04 -8.05 7.69
N GLY A 76 8.26 -8.72 8.51
CA GLY A 76 7.91 -8.20 9.82
C GLY A 76 9.08 -8.20 10.78
N ASP A 77 10.03 -9.10 10.58
CA ASP A 77 11.20 -9.17 11.44
C ASP A 77 12.24 -8.14 11.00
N GLY A 78 12.69 -8.27 9.74
CA GLY A 78 13.56 -7.28 9.14
C GLY A 78 14.98 -7.24 9.69
N GLY A 79 15.13 -7.50 10.98
CA GLY A 79 16.40 -7.33 11.65
C GLY A 79 17.51 -8.21 11.11
N LEU A 80 18.66 -7.60 10.87
CA LEU A 80 19.84 -8.32 10.41
C LEU A 80 20.99 -8.10 11.36
N GLU A 81 21.59 -9.20 11.83
CA GLU A 81 22.74 -9.12 12.72
C GLU A 81 23.86 -10.00 12.19
N GLY A 1 -7.16 13.33 -13.76
CA GLY A 1 -7.80 12.16 -14.42
C GLY A 1 -8.52 11.28 -13.42
N ALA A 2 -8.27 9.99 -13.47
CA ALA A 2 -8.90 9.06 -12.54
C ALA A 2 -7.96 8.76 -11.37
N MET A 3 -8.03 9.58 -10.34
CA MET A 3 -7.18 9.43 -9.18
C MET A 3 -7.88 8.55 -8.13
N ALA A 4 -7.11 7.66 -7.52
CA ALA A 4 -7.66 6.76 -6.51
C ALA A 4 -7.59 7.39 -5.12
N PHE A 5 -8.52 8.29 -4.85
CA PHE A 5 -8.59 8.94 -3.54
C PHE A 5 -10.02 8.90 -3.01
N ASP A 6 -10.58 7.70 -2.92
CA ASP A 6 -11.94 7.50 -2.42
C ASP A 6 -12.33 6.03 -2.55
N GLY A 7 -12.14 5.28 -1.47
CA GLY A 7 -12.58 3.90 -1.45
C GLY A 7 -13.94 3.78 -0.79
N GLU A 8 -13.95 3.77 0.53
CA GLU A 8 -15.19 3.79 1.30
C GLU A 8 -14.99 4.58 2.59
N ASP A 9 -15.93 5.47 2.88
CA ASP A 9 -15.79 6.43 3.97
C ASP A 9 -16.00 5.79 5.34
N GLU A 10 -16.16 4.47 5.35
CA GLU A 10 -16.46 3.74 6.59
C GLU A 10 -15.22 3.62 7.48
N VAL A 11 -14.05 3.85 6.91
CA VAL A 11 -12.80 3.71 7.65
C VAL A 11 -12.37 5.03 8.28
N THR A 12 -11.47 4.95 9.26
CA THR A 12 -10.97 6.14 9.93
C THR A 12 -9.60 6.54 9.42
N GLY A 13 -9.07 5.78 8.46
CA GLY A 13 -7.78 6.08 7.89
C GLY A 13 -7.90 6.58 6.46
N PRO A 14 -7.72 7.89 6.23
CA PRO A 14 -7.86 8.48 4.89
C PRO A 14 -6.85 7.90 3.91
N ASP A 15 -5.58 7.92 4.31
CA ASP A 15 -4.51 7.41 3.47
C ASP A 15 -4.58 5.89 3.37
N ALA A 16 -4.99 5.25 4.45
CA ALA A 16 -5.15 3.81 4.49
C ALA A 16 -6.21 3.37 3.48
N ASP A 17 -7.32 4.09 3.44
CA ASP A 17 -8.43 3.78 2.54
C ASP A 17 -7.99 3.72 1.09
N ARG A 18 -7.35 4.79 0.64
CA ARG A 18 -7.02 4.96 -0.77
C ARG A 18 -6.18 3.78 -1.28
N ALA A 19 -5.11 3.47 -0.56
CA ALA A 19 -4.16 2.46 -1.01
C ALA A 19 -4.67 1.05 -0.75
N ARG A 20 -5.43 0.86 0.34
CA ARG A 20 -5.93 -0.45 0.69
C ARG A 20 -7.00 -0.89 -0.31
N ALA A 21 -7.78 0.08 -0.80
CA ALA A 21 -8.77 -0.20 -1.82
C ALA A 21 -8.10 -0.61 -3.13
N ALA A 22 -6.96 0.00 -3.43
CA ALA A 22 -6.19 -0.34 -4.62
C ALA A 22 -5.48 -1.67 -4.45
N ALA A 23 -5.10 -1.97 -3.20
CA ALA A 23 -4.40 -3.21 -2.87
C ALA A 23 -5.19 -4.44 -3.30
N VAL A 24 -6.51 -4.32 -3.28
CA VAL A 24 -7.39 -5.42 -3.68
C VAL A 24 -7.09 -5.89 -5.10
N GLN A 25 -6.67 -4.96 -5.95
CA GLN A 25 -6.34 -5.27 -7.33
C GLN A 25 -4.85 -5.55 -7.49
N ALA A 26 -4.07 -5.20 -6.47
CA ALA A 26 -2.63 -5.34 -6.52
C ALA A 26 -2.19 -6.75 -6.10
N VAL A 27 -2.98 -7.37 -5.23
CA VAL A 27 -2.68 -8.72 -4.78
C VAL A 27 -3.72 -9.69 -5.32
N PRO A 28 -3.27 -10.78 -5.97
CA PRO A 28 -4.15 -11.79 -6.56
C PRO A 28 -4.83 -12.66 -5.50
N GLY A 29 -6.03 -12.25 -5.08
CA GLY A 29 -6.80 -13.02 -4.12
C GLY A 29 -6.16 -13.05 -2.75
N GLY A 30 -5.30 -12.09 -2.48
CA GLY A 30 -4.60 -12.06 -1.21
C GLY A 30 -5.29 -11.16 -0.21
N THR A 31 -4.57 -10.82 0.85
CA THR A 31 -5.11 -9.96 1.89
C THR A 31 -4.55 -8.54 1.77
N ALA A 32 -5.43 -7.56 1.91
CA ALA A 32 -5.06 -6.17 1.78
C ALA A 32 -5.02 -5.50 3.15
N GLY A 33 -3.83 -5.17 3.60
CA GLY A 33 -3.67 -4.56 4.91
C GLY A 33 -3.79 -3.06 4.85
N GLU A 34 -4.07 -2.45 6.00
CA GLU A 34 -4.16 -1.00 6.10
C GLU A 34 -2.77 -0.38 6.05
N VAL A 35 -2.66 0.75 5.35
CA VAL A 35 -1.37 1.33 5.02
C VAL A 35 -1.17 2.69 5.68
N GLU A 36 0.08 3.08 5.86
CA GLU A 36 0.42 4.42 6.32
C GLU A 36 1.18 5.16 5.22
N THR A 37 1.14 6.48 5.26
CA THR A 37 1.91 7.29 4.33
C THR A 37 3.39 7.26 4.68
N GLU A 38 4.22 6.86 3.72
CA GLU A 38 5.65 6.80 3.93
C GLU A 38 6.22 8.23 3.99
N THR A 39 7.07 8.47 4.96
CA THR A 39 7.67 9.79 5.11
C THR A 39 9.19 9.69 5.03
N GLY A 40 9.76 10.34 4.04
CA GLY A 40 11.19 10.33 3.86
C GLY A 40 11.61 11.14 2.66
N GLU A 41 12.68 10.74 2.00
CA GLU A 41 13.17 11.45 0.84
C GLU A 41 12.96 10.62 -0.42
N GLY A 42 12.14 11.14 -1.32
CA GLY A 42 11.86 10.44 -2.56
C GLY A 42 10.47 10.77 -3.05
N ALA A 43 10.01 10.06 -4.07
CA ALA A 43 8.68 10.27 -4.61
C ALA A 43 7.67 9.33 -3.96
N ALA A 44 8.17 8.41 -3.13
CA ALA A 44 7.33 7.42 -2.47
C ALA A 44 6.57 8.05 -1.30
N ALA A 45 5.27 8.15 -1.44
CA ALA A 45 4.44 8.73 -0.39
C ALA A 45 3.47 7.70 0.17
N TYR A 46 3.28 6.60 -0.54
CA TYR A 46 2.36 5.56 -0.12
C TYR A 46 3.03 4.19 -0.18
N GLY A 47 2.89 3.42 0.88
CA GLY A 47 3.40 2.07 0.88
C GLY A 47 2.29 1.06 1.04
N VAL A 48 2.04 0.28 0.00
CA VAL A 48 0.95 -0.67 0.00
C VAL A 48 1.44 -2.08 0.31
N LEU A 49 0.95 -2.66 1.40
CA LEU A 49 1.31 -4.02 1.76
C LEU A 49 0.28 -5.00 1.21
N VAL A 50 0.69 -5.75 0.18
CA VAL A 50 -0.19 -6.73 -0.43
C VAL A 50 0.36 -8.15 -0.21
N THR A 51 -0.24 -8.85 0.72
CA THR A 51 0.21 -10.17 1.11
C THR A 51 -0.52 -11.25 0.32
N ARG A 52 0.24 -12.08 -0.38
CA ARG A 52 -0.33 -13.18 -1.15
C ARG A 52 -0.66 -14.35 -0.23
N PRO A 53 -1.64 -15.19 -0.61
CA PRO A 53 -1.97 -16.42 0.13
C PRO A 53 -0.86 -17.46 0.00
N ASP A 54 0.20 -17.07 -0.68
CA ASP A 54 1.39 -17.89 -0.83
C ASP A 54 2.32 -17.67 0.36
N GLY A 55 2.05 -16.62 1.12
CA GLY A 55 2.85 -16.32 2.28
C GLY A 55 3.79 -15.15 2.06
N THR A 56 3.87 -14.68 0.82
CA THR A 56 4.76 -13.59 0.48
C THR A 56 4.06 -12.24 0.60
N ARG A 57 4.68 -11.34 1.35
CA ARG A 57 4.17 -10.00 1.54
C ARG A 57 5.04 -9.01 0.78
N VAL A 58 4.44 -8.23 -0.10
CA VAL A 58 5.18 -7.32 -0.96
C VAL A 58 4.71 -5.88 -0.77
N GLU A 59 5.66 -4.96 -0.70
CA GLU A 59 5.36 -3.54 -0.60
C GLU A 59 5.32 -2.90 -1.98
N VAL A 60 4.20 -2.31 -2.32
CA VAL A 60 4.08 -1.54 -3.54
C VAL A 60 4.14 -0.06 -3.19
N HIS A 61 5.23 0.58 -3.55
CA HIS A 61 5.44 1.99 -3.20
C HIS A 61 4.88 2.88 -4.30
N LEU A 62 4.03 3.81 -3.91
CA LEU A 62 3.29 4.62 -4.85
C LEU A 62 3.71 6.08 -4.81
N ASP A 63 3.39 6.79 -5.88
CA ASP A 63 3.69 8.21 -6.02
C ASP A 63 2.50 9.03 -5.50
N ARG A 64 2.69 10.33 -5.37
CA ARG A 64 1.66 11.24 -4.87
C ARG A 64 0.39 11.15 -5.73
N ASP A 65 0.56 10.87 -7.01
CA ASP A 65 -0.57 10.74 -7.93
C ASP A 65 -1.01 9.28 -8.07
N PHE A 66 -0.58 8.45 -7.11
CA PHE A 66 -0.98 7.05 -7.03
C PHE A 66 -0.52 6.23 -8.23
N ARG A 67 0.69 6.51 -8.70
CA ARG A 67 1.32 5.64 -9.69
C ARG A 67 2.31 4.72 -9.00
N VAL A 68 2.46 3.51 -9.53
CA VAL A 68 3.40 2.56 -8.95
C VAL A 68 4.83 2.95 -9.27
N LEU A 69 5.61 3.19 -8.23
CA LEU A 69 7.01 3.55 -8.40
C LEU A 69 7.87 2.30 -8.43
N ASP A 70 7.65 1.41 -7.49
CA ASP A 70 8.43 0.18 -7.41
C ASP A 70 7.74 -0.84 -6.51
N THR A 71 8.05 -2.10 -6.72
CA THR A 71 7.46 -3.18 -5.95
C THR A 71 8.56 -4.02 -5.30
N GLU A 72 8.57 -4.07 -3.97
CA GLU A 72 9.62 -4.77 -3.23
C GLU A 72 9.03 -5.64 -2.12
N PRO A 73 9.29 -6.95 -2.15
CA PRO A 73 8.85 -7.88 -1.10
C PRO A 73 9.48 -7.51 0.25
N ALA A 74 8.64 -7.21 1.24
CA ALA A 74 9.14 -6.73 2.51
C ALA A 74 8.31 -7.27 3.67
N ASP A 75 8.85 -7.14 4.87
CA ASP A 75 8.15 -7.57 6.06
C ASP A 75 7.87 -6.37 6.96
N GLY A 76 6.61 -6.17 7.29
CA GLY A 76 6.24 -5.07 8.15
C GLY A 76 5.91 -5.52 9.55
N ASP A 77 6.37 -6.72 9.91
CA ASP A 77 6.13 -7.26 11.24
C ASP A 77 7.34 -7.02 12.12
N GLY A 78 8.51 -7.39 11.60
CA GLY A 78 9.73 -7.19 12.34
C GLY A 78 10.70 -8.34 12.18
N GLY A 79 11.60 -8.22 11.21
CA GLY A 79 12.62 -9.23 11.02
C GLY A 79 13.90 -8.90 11.76
N LEU A 80 14.51 -9.91 12.38
CA LEU A 80 15.72 -9.70 13.15
C LEU A 80 16.94 -10.24 12.40
N GLU A 81 17.85 -9.34 12.03
CA GLU A 81 19.08 -9.73 11.37
C GLU A 81 20.10 -8.59 11.44
N GLY A 1 -8.11 6.96 -16.23
CA GLY A 1 -7.63 6.22 -15.04
C GLY A 1 -8.33 6.66 -13.78
N ALA A 2 -7.95 6.08 -12.65
CA ALA A 2 -8.57 6.41 -11.37
C ALA A 2 -7.53 6.43 -10.26
N MET A 3 -7.34 7.60 -9.67
CA MET A 3 -6.41 7.74 -8.55
C MET A 3 -7.16 7.55 -7.24
N ALA A 4 -6.49 6.93 -6.28
CA ALA A 4 -7.10 6.63 -4.98
C ALA A 4 -7.22 7.88 -4.11
N PHE A 5 -8.14 8.75 -4.47
CA PHE A 5 -8.45 9.91 -3.66
C PHE A 5 -9.95 9.97 -3.41
N ASP A 6 -10.33 9.68 -2.16
CA ASP A 6 -11.74 9.55 -1.77
C ASP A 6 -12.39 8.33 -2.42
N GLY A 7 -12.70 7.33 -1.61
CA GLY A 7 -13.34 6.14 -2.12
C GLY A 7 -14.52 5.70 -1.27
N GLU A 8 -14.23 5.08 -0.15
CA GLU A 8 -15.26 4.67 0.78
C GLU A 8 -15.62 5.82 1.73
N ASP A 9 -16.82 5.77 2.30
CA ASP A 9 -17.30 6.81 3.21
C ASP A 9 -16.78 6.53 4.61
N GLU A 10 -16.19 5.34 4.77
CA GLU A 10 -15.61 4.92 6.04
C GLU A 10 -14.19 5.46 6.14
N VAL A 11 -14.04 6.66 6.66
CA VAL A 11 -12.73 7.30 6.73
C VAL A 11 -11.97 6.84 7.97
N THR A 12 -11.20 5.77 7.81
CA THR A 12 -10.38 5.25 8.90
C THR A 12 -8.97 5.83 8.85
N GLY A 13 -8.71 6.58 7.80
CA GLY A 13 -7.41 7.19 7.61
C GLY A 13 -7.31 7.87 6.28
N PRO A 14 -6.57 8.98 6.17
CA PRO A 14 -6.46 9.74 4.93
C PRO A 14 -5.83 8.93 3.81
N ASP A 15 -4.65 8.38 4.08
CA ASP A 15 -3.94 7.56 3.11
C ASP A 15 -4.19 6.08 3.36
N ALA A 16 -4.27 5.71 4.64
CA ALA A 16 -4.43 4.32 5.05
C ALA A 16 -5.59 3.63 4.33
N ASP A 17 -6.74 4.30 4.30
CA ASP A 17 -7.94 3.75 3.65
C ASP A 17 -7.74 3.62 2.15
N ARG A 18 -7.31 4.71 1.54
CA ARG A 18 -7.31 4.82 0.09
C ARG A 18 -6.23 3.96 -0.54
N ALA A 19 -5.09 3.89 0.11
CA ALA A 19 -4.00 3.05 -0.38
C ALA A 19 -4.39 1.58 -0.28
N ARG A 20 -5.01 1.22 0.83
CA ARG A 20 -5.48 -0.14 1.05
C ARG A 20 -6.53 -0.53 0.01
N ALA A 21 -7.48 0.36 -0.22
CA ALA A 21 -8.58 0.11 -1.14
C ALA A 21 -8.08 0.07 -2.60
N ALA A 22 -6.94 0.68 -2.85
CA ALA A 22 -6.37 0.70 -4.19
C ALA A 22 -5.52 -0.54 -4.45
N ALA A 23 -4.77 -0.95 -3.45
CA ALA A 23 -3.82 -2.04 -3.60
C ALA A 23 -4.50 -3.39 -3.78
N VAL A 24 -5.75 -3.51 -3.34
CA VAL A 24 -6.48 -4.77 -3.44
C VAL A 24 -6.69 -5.17 -4.91
N GLN A 25 -6.65 -4.18 -5.81
CA GLN A 25 -6.78 -4.44 -7.23
C GLN A 25 -5.47 -4.99 -7.82
N ALA A 26 -4.39 -4.83 -7.09
CA ALA A 26 -3.08 -5.26 -7.58
C ALA A 26 -2.72 -6.64 -7.05
N VAL A 27 -3.46 -7.10 -6.05
CA VAL A 27 -3.19 -8.41 -5.46
C VAL A 27 -4.38 -9.36 -5.67
N PRO A 28 -4.13 -10.51 -6.32
CA PRO A 28 -5.16 -11.49 -6.62
C PRO A 28 -5.59 -12.28 -5.39
N GLY A 29 -6.73 -11.89 -4.81
CA GLY A 29 -7.26 -12.57 -3.66
C GLY A 29 -6.30 -12.56 -2.49
N GLY A 30 -5.61 -11.46 -2.31
CA GLY A 30 -4.62 -11.35 -1.25
C GLY A 30 -5.12 -10.56 -0.07
N THR A 31 -4.23 -10.29 0.87
CA THR A 31 -4.57 -9.53 2.06
C THR A 31 -4.15 -8.07 1.91
N ALA A 32 -5.15 -7.19 1.89
CA ALA A 32 -4.89 -5.76 1.81
C ALA A 32 -5.05 -5.12 3.20
N GLY A 33 -3.92 -4.79 3.80
CA GLY A 33 -3.93 -4.26 5.15
C GLY A 33 -3.78 -2.76 5.18
N GLU A 34 -4.15 -2.14 6.31
CA GLU A 34 -4.00 -0.70 6.46
C GLU A 34 -2.53 -0.33 6.57
N VAL A 35 -2.18 0.80 5.95
CA VAL A 35 -0.78 1.21 5.84
C VAL A 35 -0.57 2.62 6.35
N GLU A 36 0.66 2.91 6.74
CA GLU A 36 1.02 4.25 7.20
C GLU A 36 1.85 4.96 6.13
N THR A 37 1.82 6.28 6.15
CA THR A 37 2.56 7.07 5.19
C THR A 37 4.05 7.04 5.49
N GLU A 38 4.85 6.63 4.52
CA GLU A 38 6.29 6.55 4.70
C GLU A 38 6.89 7.96 4.73
N THR A 39 7.57 8.27 5.83
CA THR A 39 8.22 9.56 5.94
C THR A 39 9.51 9.57 5.13
N GLY A 40 9.68 10.59 4.30
CA GLY A 40 10.87 10.69 3.48
C GLY A 40 10.85 11.92 2.61
N GLU A 41 11.51 11.82 1.47
CA GLU A 41 11.59 12.94 0.53
C GLU A 41 11.73 12.39 -0.88
N GLY A 42 10.95 12.91 -1.80
CA GLY A 42 11.04 12.50 -3.18
C GLY A 42 9.72 11.99 -3.72
N ALA A 43 9.78 10.88 -4.43
CA ALA A 43 8.59 10.30 -5.02
C ALA A 43 7.90 9.37 -4.02
N ALA A 44 8.69 8.73 -3.16
CA ALA A 44 8.16 7.76 -2.21
C ALA A 44 7.36 8.46 -1.11
N ALA A 45 6.04 8.39 -1.22
CA ALA A 45 5.16 9.00 -0.23
C ALA A 45 4.31 7.95 0.47
N TYR A 46 3.79 7.00 -0.30
CA TYR A 46 2.91 5.98 0.26
C TYR A 46 3.57 4.61 0.15
N GLY A 47 3.52 3.86 1.24
CA GLY A 47 3.99 2.49 1.20
C GLY A 47 2.89 1.53 1.55
N VAL A 48 2.47 0.72 0.60
CA VAL A 48 1.33 -0.15 0.79
C VAL A 48 1.78 -1.61 0.85
N LEU A 49 1.19 -2.37 1.74
CA LEU A 49 1.52 -3.77 1.89
C LEU A 49 0.45 -4.66 1.30
N VAL A 50 0.85 -5.57 0.42
CA VAL A 50 -0.07 -6.53 -0.17
C VAL A 50 0.47 -7.94 -0.04
N THR A 51 -0.27 -8.79 0.63
CA THR A 51 0.15 -10.15 0.88
C THR A 51 -0.55 -11.13 -0.05
N ARG A 52 0.23 -11.94 -0.75
CA ARG A 52 -0.33 -13.01 -1.58
C ARG A 52 -0.64 -14.21 -0.70
N PRO A 53 -1.63 -15.04 -1.09
CA PRO A 53 -2.04 -16.22 -0.32
C PRO A 53 -0.87 -17.18 -0.06
N ASP A 54 0.16 -17.12 -0.91
CA ASP A 54 1.37 -17.93 -0.73
C ASP A 54 2.10 -17.54 0.55
N GLY A 55 1.94 -16.29 0.96
CA GLY A 55 2.63 -15.81 2.14
C GLY A 55 3.60 -14.69 1.82
N THR A 56 3.86 -14.50 0.53
CA THR A 56 4.75 -13.43 0.09
C THR A 56 4.06 -12.07 0.25
N ARG A 57 4.75 -11.15 0.90
CA ARG A 57 4.20 -9.85 1.22
C ARG A 57 5.03 -8.77 0.55
N VAL A 58 4.40 -7.99 -0.31
CA VAL A 58 5.10 -7.02 -1.13
C VAL A 58 4.82 -5.60 -0.65
N GLU A 59 5.87 -4.78 -0.61
CA GLU A 59 5.73 -3.37 -0.27
C GLU A 59 5.67 -2.55 -1.56
N VAL A 60 4.51 -1.97 -1.82
CA VAL A 60 4.31 -1.19 -3.02
C VAL A 60 4.49 0.29 -2.69
N HIS A 61 5.52 0.89 -3.28
CA HIS A 61 5.78 2.30 -3.06
C HIS A 61 5.04 3.15 -4.09
N LEU A 62 4.22 4.05 -3.60
CA LEU A 62 3.38 4.90 -4.42
C LEU A 62 3.84 6.35 -4.30
N ASP A 63 3.72 7.10 -5.39
CA ASP A 63 4.15 8.49 -5.38
C ASP A 63 3.00 9.42 -5.03
N ARG A 64 3.21 10.71 -5.24
CA ARG A 64 2.28 11.74 -4.80
C ARG A 64 0.95 11.65 -5.54
N ASP A 65 0.93 10.95 -6.68
CA ASP A 65 -0.28 10.82 -7.48
C ASP A 65 -0.81 9.40 -7.40
N PHE A 66 -0.30 8.62 -6.45
CA PHE A 66 -0.72 7.23 -6.26
C PHE A 66 -0.35 6.37 -7.45
N ARG A 67 0.74 6.73 -8.09
CA ARG A 67 1.27 5.96 -9.21
C ARG A 67 2.32 4.98 -8.70
N VAL A 68 2.28 3.76 -9.22
CA VAL A 68 3.18 2.71 -8.78
C VAL A 68 4.64 3.03 -9.12
N LEU A 69 5.46 3.17 -8.10
CA LEU A 69 6.88 3.46 -8.27
C LEU A 69 7.70 2.18 -8.35
N ASP A 70 7.63 1.38 -7.29
CA ASP A 70 8.48 0.21 -7.16
C ASP A 70 7.86 -0.78 -6.19
N THR A 71 8.07 -2.07 -6.43
CA THR A 71 7.52 -3.11 -5.59
C THR A 71 8.62 -4.02 -5.06
N GLU A 72 8.88 -3.92 -3.76
CA GLU A 72 9.93 -4.72 -3.12
C GLU A 72 9.33 -5.80 -2.25
N PRO A 73 10.07 -6.88 -2.01
CA PRO A 73 9.65 -7.92 -1.07
C PRO A 73 9.82 -7.45 0.37
N ALA A 74 8.75 -7.46 1.13
CA ALA A 74 8.78 -7.01 2.51
C ALA A 74 9.27 -8.13 3.41
N ASP A 75 9.81 -7.76 4.57
CA ASP A 75 10.32 -8.75 5.50
C ASP A 75 9.20 -9.24 6.42
N GLY A 76 9.15 -10.55 6.64
CA GLY A 76 8.06 -11.11 7.40
C GLY A 76 8.42 -11.38 8.85
N ASP A 77 9.65 -11.02 9.23
CA ASP A 77 10.09 -11.22 10.60
C ASP A 77 9.96 -9.93 11.40
N GLY A 78 10.58 -8.88 10.90
CA GLY A 78 10.57 -7.61 11.59
C GLY A 78 11.96 -7.19 12.02
N GLY A 79 12.80 -8.18 12.31
CA GLY A 79 14.16 -7.90 12.72
C GLY A 79 15.09 -7.78 11.53
N LEU A 80 15.00 -6.64 10.84
CA LEU A 80 15.86 -6.38 9.68
C LEU A 80 17.31 -6.20 10.10
N GLU A 81 18.20 -6.84 9.37
CA GLU A 81 19.62 -6.71 9.61
C GLU A 81 20.27 -5.82 8.56
N GLY A 1 -7.99 10.37 -16.02
CA GLY A 1 -6.78 9.82 -15.36
C GLY A 1 -7.14 9.01 -14.14
N ALA A 2 -6.14 8.61 -13.38
CA ALA A 2 -6.37 7.80 -12.20
C ALA A 2 -5.65 8.39 -10.99
N MET A 3 -6.32 9.30 -10.31
CA MET A 3 -5.82 9.83 -9.05
C MET A 3 -6.64 9.25 -7.91
N ALA A 4 -6.15 8.16 -7.33
CA ALA A 4 -6.90 7.46 -6.31
C ALA A 4 -6.86 8.18 -4.98
N PHE A 5 -7.61 9.27 -4.87
CA PHE A 5 -7.77 9.96 -3.61
C PHE A 5 -9.22 9.84 -3.15
N ASP A 6 -9.66 8.59 -3.08
CA ASP A 6 -11.02 8.23 -2.69
C ASP A 6 -11.17 6.72 -2.87
N GLY A 7 -11.07 5.98 -1.78
CA GLY A 7 -11.05 4.53 -1.86
C GLY A 7 -12.44 3.93 -1.89
N GLU A 8 -13.07 3.84 -0.74
CA GLU A 8 -14.38 3.23 -0.64
C GLU A 8 -15.14 3.74 0.59
N ASP A 9 -16.22 3.05 0.95
CA ASP A 9 -17.14 3.51 1.99
C ASP A 9 -16.50 3.52 3.39
N GLU A 10 -15.28 3.01 3.51
CA GLU A 10 -14.63 2.96 4.80
C GLU A 10 -13.48 3.96 4.87
N VAL A 11 -13.81 5.19 5.19
CA VAL A 11 -12.80 6.22 5.35
C VAL A 11 -12.37 6.28 6.80
N THR A 12 -11.40 5.46 7.15
CA THR A 12 -10.90 5.39 8.51
C THR A 12 -9.45 5.87 8.57
N GLY A 13 -9.17 6.78 9.49
CA GLY A 13 -7.85 7.34 9.58
C GLY A 13 -7.58 8.35 8.48
N PRO A 14 -6.32 8.50 8.07
CA PRO A 14 -5.96 9.40 6.97
C PRO A 14 -6.35 8.82 5.60
N ASP A 15 -5.51 9.03 4.60
CA ASP A 15 -5.78 8.56 3.25
C ASP A 15 -5.59 7.04 3.10
N ALA A 16 -5.47 6.35 4.23
CA ALA A 16 -5.36 4.89 4.24
C ALA A 16 -6.46 4.24 3.39
N ASP A 17 -7.63 4.87 3.39
CA ASP A 17 -8.78 4.42 2.61
C ASP A 17 -8.45 4.27 1.13
N ARG A 18 -7.70 5.23 0.59
CA ARG A 18 -7.49 5.31 -0.86
C ARG A 18 -6.72 4.10 -1.36
N ALA A 19 -5.53 3.90 -0.81
CA ALA A 19 -4.61 2.88 -1.29
C ALA A 19 -5.07 1.48 -0.91
N ARG A 20 -5.81 1.37 0.18
CA ARG A 20 -6.25 0.07 0.67
C ARG A 20 -7.25 -0.57 -0.31
N ALA A 21 -8.08 0.25 -0.93
CA ALA A 21 -9.07 -0.23 -1.88
C ALA A 21 -8.39 -0.80 -3.13
N ALA A 22 -7.33 -0.13 -3.57
CA ALA A 22 -6.62 -0.55 -4.76
C ALA A 22 -5.81 -1.82 -4.51
N ALA A 23 -5.38 -2.00 -3.27
CA ALA A 23 -4.57 -3.16 -2.89
C ALA A 23 -5.30 -4.48 -3.12
N VAL A 24 -6.62 -4.44 -3.06
CA VAL A 24 -7.44 -5.63 -3.25
C VAL A 24 -7.20 -6.25 -4.63
N GLN A 25 -7.03 -5.41 -5.63
CA GLN A 25 -6.83 -5.87 -7.01
C GLN A 25 -5.38 -6.28 -7.24
N ALA A 26 -4.50 -5.92 -6.31
CA ALA A 26 -3.09 -6.22 -6.43
C ALA A 26 -2.75 -7.61 -5.88
N VAL A 27 -3.73 -8.25 -5.26
CA VAL A 27 -3.51 -9.57 -4.69
C VAL A 27 -4.74 -10.46 -4.83
N PRO A 28 -4.59 -11.63 -5.45
CA PRO A 28 -5.68 -12.59 -5.59
C PRO A 28 -5.97 -13.33 -4.28
N GLY A 29 -7.08 -12.95 -3.65
CA GLY A 29 -7.47 -13.61 -2.41
C GLY A 29 -6.53 -13.30 -1.27
N GLY A 30 -6.07 -12.06 -1.20
CA GLY A 30 -5.12 -11.68 -0.17
C GLY A 30 -5.78 -10.91 0.96
N THR A 31 -5.03 -10.00 1.56
CA THR A 31 -5.53 -9.20 2.66
C THR A 31 -5.09 -7.75 2.50
N ALA A 32 -6.04 -6.84 2.64
CA ALA A 32 -5.75 -5.41 2.53
C ALA A 32 -5.76 -4.74 3.90
N GLY A 33 -4.64 -4.16 4.27
CA GLY A 33 -4.55 -3.47 5.55
C GLY A 33 -4.50 -1.97 5.37
N GLU A 34 -4.79 -1.24 6.44
CA GLU A 34 -4.73 0.22 6.40
C GLU A 34 -3.32 0.70 6.11
N VAL A 35 -3.17 1.55 5.12
CA VAL A 35 -1.86 2.01 4.69
C VAL A 35 -1.44 3.25 5.44
N GLU A 36 -0.14 3.46 5.53
CA GLU A 36 0.39 4.57 6.32
C GLU A 36 1.05 5.61 5.43
N THR A 37 1.08 6.84 5.91
CA THR A 37 1.83 7.89 5.25
C THR A 37 3.28 7.84 5.74
N GLU A 38 4.19 7.53 4.84
CA GLU A 38 5.58 7.29 5.22
C GLU A 38 6.30 8.60 5.54
N THR A 39 6.96 8.61 6.69
CA THR A 39 7.85 9.71 7.03
C THR A 39 9.25 9.41 6.51
N GLY A 40 9.76 10.24 5.62
CA GLY A 40 11.04 9.96 5.01
C GLY A 40 11.56 11.11 4.16
N GLU A 41 11.88 10.79 2.91
CA GLU A 41 12.55 11.74 2.02
C GLU A 41 12.10 11.52 0.58
N GLY A 42 12.27 12.55 -0.25
CA GLY A 42 11.98 12.42 -1.66
C GLY A 42 10.51 12.55 -1.98
N ALA A 43 9.93 11.46 -2.50
CA ALA A 43 8.54 11.48 -2.93
C ALA A 43 7.77 10.31 -2.32
N ALA A 44 8.39 9.62 -1.37
CA ALA A 44 7.74 8.50 -0.70
C ALA A 44 6.62 9.01 0.19
N ALA A 45 5.39 8.78 -0.23
CA ALA A 45 4.24 9.30 0.51
C ALA A 45 3.40 8.17 1.09
N TYR A 46 2.99 7.23 0.26
CA TYR A 46 2.10 6.18 0.71
C TYR A 46 2.76 4.82 0.63
N GLY A 47 2.61 4.05 1.70
CA GLY A 47 3.09 2.67 1.69
C GLY A 47 1.94 1.69 1.74
N VAL A 48 1.75 0.96 0.66
CA VAL A 48 0.62 0.04 0.53
C VAL A 48 1.04 -1.37 0.94
N LEU A 49 0.55 -1.83 2.08
CA LEU A 49 0.89 -3.16 2.57
C LEU A 49 -0.03 -4.21 1.95
N VAL A 50 0.50 -4.93 0.98
CA VAL A 50 -0.25 -5.99 0.31
C VAL A 50 0.11 -7.34 0.92
N THR A 51 -0.84 -7.92 1.63
CA THR A 51 -0.61 -9.20 2.27
C THR A 51 -1.04 -10.35 1.35
N ARG A 52 -0.09 -11.18 0.95
CA ARG A 52 -0.39 -12.31 0.11
C ARG A 52 -0.54 -13.57 0.95
N PRO A 53 -1.58 -14.39 0.67
CA PRO A 53 -1.81 -15.66 1.38
C PRO A 53 -0.70 -16.66 1.11
N ASP A 54 0.16 -16.30 0.17
CA ASP A 54 1.36 -17.07 -0.15
C ASP A 54 2.32 -17.09 1.04
N GLY A 55 2.24 -16.06 1.87
CA GLY A 55 3.08 -15.99 3.04
C GLY A 55 4.11 -14.88 2.96
N THR A 56 3.73 -13.80 2.30
CA THR A 56 4.64 -12.68 2.10
C THR A 56 3.89 -11.35 2.14
N ARG A 57 4.54 -10.33 2.69
CA ARG A 57 3.99 -9.00 2.74
C ARG A 57 4.73 -8.11 1.74
N VAL A 58 4.01 -7.59 0.78
CA VAL A 58 4.61 -6.75 -0.25
C VAL A 58 4.11 -5.33 -0.09
N GLU A 59 5.01 -4.41 0.21
CA GLU A 59 4.60 -3.02 0.38
C GLU A 59 4.96 -2.20 -0.85
N VAL A 60 3.93 -1.74 -1.53
CA VAL A 60 4.09 -0.92 -2.71
C VAL A 60 4.17 0.54 -2.30
N HIS A 61 5.29 1.18 -2.61
CA HIS A 61 5.50 2.56 -2.21
C HIS A 61 5.09 3.50 -3.33
N LEU A 62 4.18 4.40 -3.02
CA LEU A 62 3.60 5.30 -4.02
C LEU A 62 3.96 6.74 -3.74
N ASP A 63 4.00 7.54 -4.80
CA ASP A 63 4.32 8.96 -4.67
C ASP A 63 3.05 9.79 -4.56
N ARG A 64 3.18 11.09 -4.76
CA ARG A 64 2.06 12.02 -4.62
C ARG A 64 1.06 11.87 -5.75
N ASP A 65 1.52 11.37 -6.88
CA ASP A 65 0.66 11.15 -8.05
C ASP A 65 0.02 9.76 -7.97
N PHE A 66 0.36 9.04 -6.90
CA PHE A 66 -0.14 7.69 -6.67
C PHE A 66 0.42 6.72 -7.71
N ARG A 67 1.64 6.98 -8.15
CA ARG A 67 2.33 6.09 -9.06
C ARG A 67 3.35 5.24 -8.30
N VAL A 68 3.66 4.08 -8.84
CA VAL A 68 4.55 3.15 -8.17
C VAL A 68 5.99 3.65 -8.17
N LEU A 69 6.53 3.87 -6.99
CA LEU A 69 7.94 4.19 -6.83
C LEU A 69 8.74 2.90 -6.78
N ASP A 70 8.31 1.99 -5.91
CA ASP A 70 8.99 0.72 -5.75
C ASP A 70 8.03 -0.33 -5.20
N THR A 71 8.41 -1.58 -5.26
CA THR A 71 7.59 -2.68 -4.80
C THR A 71 8.48 -3.80 -4.27
N GLU A 72 8.47 -3.99 -2.96
CA GLU A 72 9.32 -5.01 -2.34
C GLU A 72 8.52 -5.89 -1.39
N PRO A 73 8.75 -7.20 -1.45
CA PRO A 73 8.21 -8.15 -0.48
C PRO A 73 9.06 -8.14 0.79
N ALA A 74 8.67 -7.32 1.75
CA ALA A 74 9.43 -7.15 2.97
C ALA A 74 9.03 -8.16 4.03
N ASP A 75 9.91 -9.10 4.31
CA ASP A 75 9.66 -10.09 5.35
C ASP A 75 10.18 -9.59 6.68
N GLY A 76 9.25 -9.26 7.58
CA GLY A 76 9.62 -8.77 8.89
C GLY A 76 8.55 -7.89 9.50
N ASP A 77 8.61 -7.70 10.80
CA ASP A 77 7.64 -6.88 11.50
C ASP A 77 8.19 -5.48 11.70
N GLY A 78 9.50 -5.39 11.85
CA GLY A 78 10.14 -4.12 12.05
C GLY A 78 11.53 -4.27 12.63
N GLY A 79 12.43 -4.83 11.84
CA GLY A 79 13.80 -5.01 12.28
C GLY A 79 14.68 -5.54 11.17
N LEU A 80 15.02 -4.67 10.23
CA LEU A 80 15.89 -5.05 9.11
C LEU A 80 17.14 -4.18 9.12
N GLU A 81 18.28 -4.83 9.21
CA GLU A 81 19.56 -4.12 9.22
C GLU A 81 20.22 -4.20 7.85
N GLY A 1 -7.01 9.09 -16.26
CA GLY A 1 -6.22 9.56 -15.09
C GLY A 1 -7.03 9.53 -13.81
N ALA A 2 -6.92 8.45 -13.07
CA ALA A 2 -7.64 8.30 -11.81
C ALA A 2 -6.67 7.95 -10.67
N MET A 3 -6.57 8.85 -9.71
CA MET A 3 -5.71 8.63 -8.55
C MET A 3 -6.52 7.96 -7.45
N ALA A 4 -5.85 7.23 -6.57
CA ALA A 4 -6.52 6.56 -5.47
C ALA A 4 -6.76 7.53 -4.32
N PHE A 5 -7.63 8.50 -4.56
CA PHE A 5 -8.01 9.47 -3.54
C PHE A 5 -9.52 9.61 -3.50
N ASP A 6 -10.20 8.50 -3.27
CA ASP A 6 -11.64 8.51 -3.14
C ASP A 6 -12.03 7.82 -1.84
N GLY A 7 -11.62 6.56 -1.71
CA GLY A 7 -11.84 5.83 -0.48
C GLY A 7 -13.21 5.18 -0.45
N GLU A 8 -13.50 4.47 0.62
CA GLU A 8 -14.78 3.80 0.75
C GLU A 8 -15.47 4.24 2.05
N ASP A 9 -16.58 3.59 2.38
CA ASP A 9 -17.38 3.97 3.53
C ASP A 9 -16.75 3.48 4.84
N GLU A 10 -15.73 2.64 4.73
CA GLU A 10 -15.00 2.20 5.90
C GLU A 10 -13.94 3.22 6.29
N VAL A 11 -14.30 4.11 7.20
CA VAL A 11 -13.38 5.13 7.66
C VAL A 11 -12.38 4.52 8.63
N THR A 12 -11.31 4.00 8.08
CA THR A 12 -10.29 3.33 8.87
C THR A 12 -9.02 4.20 8.96
N GLY A 13 -9.08 5.36 8.32
CA GLY A 13 -7.96 6.27 8.33
C GLY A 13 -7.93 7.12 7.08
N PRO A 14 -6.99 8.06 6.98
CA PRO A 14 -6.89 8.94 5.82
C PRO A 14 -6.28 8.22 4.61
N ASP A 15 -4.96 8.05 4.66
CA ASP A 15 -4.22 7.42 3.57
C ASP A 15 -4.51 5.93 3.50
N ALA A 16 -4.69 5.33 4.68
CA ALA A 16 -4.96 3.89 4.78
C ALA A 16 -6.15 3.49 3.93
N ASP A 17 -7.25 4.23 4.07
CA ASP A 17 -8.49 3.93 3.35
C ASP A 17 -8.31 4.11 1.84
N ARG A 18 -7.66 5.19 1.45
CA ARG A 18 -7.48 5.52 0.04
C ARG A 18 -6.64 4.46 -0.67
N ALA A 19 -5.59 4.01 0.00
CA ALA A 19 -4.68 3.04 -0.59
C ALA A 19 -5.21 1.61 -0.50
N ARG A 20 -5.91 1.30 0.59
CA ARG A 20 -6.45 -0.03 0.80
C ARG A 20 -7.52 -0.34 -0.25
N ALA A 21 -8.18 0.71 -0.74
CA ALA A 21 -9.17 0.56 -1.80
C ALA A 21 -8.50 0.15 -3.11
N ALA A 22 -7.32 0.70 -3.37
CA ALA A 22 -6.57 0.40 -4.58
C ALA A 22 -5.91 -0.97 -4.48
N ALA A 23 -5.54 -1.35 -3.25
CA ALA A 23 -4.89 -2.62 -2.97
C ALA A 23 -5.71 -3.81 -3.48
N VAL A 24 -7.04 -3.69 -3.39
CA VAL A 24 -7.94 -4.77 -3.77
C VAL A 24 -7.70 -5.22 -5.22
N GLN A 25 -7.47 -4.26 -6.10
CA GLN A 25 -7.29 -4.55 -7.52
C GLN A 25 -5.85 -4.89 -7.85
N ALA A 26 -4.95 -4.63 -6.91
CA ALA A 26 -3.54 -4.89 -7.12
C ALA A 26 -3.17 -6.31 -6.72
N VAL A 27 -3.82 -6.82 -5.68
CA VAL A 27 -3.54 -8.16 -5.19
C VAL A 27 -4.46 -9.18 -5.85
N PRO A 28 -3.88 -10.28 -6.38
CA PRO A 28 -4.66 -11.35 -7.02
C PRO A 28 -5.47 -12.16 -6.01
N GLY A 29 -6.67 -11.67 -5.72
CA GLY A 29 -7.57 -12.38 -4.81
C GLY A 29 -7.03 -12.47 -3.40
N GLY A 30 -6.39 -11.40 -2.95
CA GLY A 30 -5.78 -11.41 -1.65
C GLY A 30 -6.45 -10.46 -0.68
N THR A 31 -5.89 -10.34 0.51
CA THR A 31 -6.45 -9.51 1.55
C THR A 31 -5.77 -8.14 1.57
N ALA A 32 -6.58 -7.09 1.51
CA ALA A 32 -6.08 -5.73 1.60
C ALA A 32 -6.11 -5.26 3.04
N GLY A 33 -5.00 -4.70 3.51
CA GLY A 33 -4.91 -4.29 4.89
C GLY A 33 -4.60 -2.81 5.04
N GLU A 34 -4.86 -2.27 6.22
CA GLU A 34 -4.55 -0.87 6.52
C GLU A 34 -3.08 -0.58 6.26
N VAL A 35 -2.84 0.35 5.36
CA VAL A 35 -1.50 0.73 4.98
C VAL A 35 -1.05 1.96 5.76
N GLU A 36 0.25 2.12 5.91
CA GLU A 36 0.80 3.29 6.57
C GLU A 36 1.82 3.98 5.68
N THR A 37 1.87 5.30 5.75
CA THR A 37 2.85 6.06 4.99
C THR A 37 4.21 5.97 5.65
N GLU A 38 5.26 5.90 4.86
CA GLU A 38 6.60 5.96 5.39
C GLU A 38 6.98 7.42 5.58
N THR A 39 6.57 7.97 6.70
CA THR A 39 6.78 9.39 6.99
C THR A 39 8.25 9.64 7.30
N GLY A 40 8.86 10.54 6.54
CA GLY A 40 10.28 10.78 6.65
C GLY A 40 10.96 10.54 5.33
N GLU A 41 10.36 9.66 4.53
CA GLU A 41 10.86 9.36 3.20
C GLU A 41 10.36 10.40 2.19
N GLY A 42 11.19 10.70 1.20
CA GLY A 42 10.84 11.72 0.23
C GLY A 42 10.22 11.12 -1.02
N ALA A 43 10.75 9.99 -1.46
CA ALA A 43 10.26 9.34 -2.67
C ALA A 43 9.06 8.45 -2.36
N ALA A 44 9.28 7.40 -1.57
CA ALA A 44 8.22 6.46 -1.22
C ALA A 44 7.34 7.03 -0.12
N ALA A 45 6.25 7.67 -0.53
CA ALA A 45 5.34 8.28 0.42
C ALA A 45 4.35 7.26 0.97
N TYR A 46 3.87 6.39 0.10
CA TYR A 46 2.87 5.41 0.50
C TYR A 46 3.43 4.00 0.38
N GLY A 47 3.04 3.14 1.30
CA GLY A 47 3.35 1.74 1.19
C GLY A 47 2.10 0.90 1.26
N VAL A 48 1.74 0.27 0.16
CA VAL A 48 0.52 -0.51 0.09
C VAL A 48 0.79 -1.99 0.33
N LEU A 49 0.35 -2.49 1.48
CA LEU A 49 0.60 -3.87 1.84
C LEU A 49 -0.59 -4.75 1.46
N VAL A 50 -0.36 -5.66 0.54
CA VAL A 50 -1.38 -6.62 0.14
C VAL A 50 -0.95 -8.03 0.51
N THR A 51 -1.82 -8.73 1.22
CA THR A 51 -1.53 -10.08 1.67
C THR A 51 -2.05 -11.09 0.65
N ARG A 52 -1.13 -11.70 -0.09
CA ARG A 52 -1.51 -12.71 -1.07
C ARG A 52 -1.94 -13.99 -0.34
N PRO A 53 -2.86 -14.77 -0.94
CA PRO A 53 -3.29 -16.05 -0.37
C PRO A 53 -2.14 -17.04 -0.30
N ASP A 54 -1.06 -16.68 -0.97
CA ASP A 54 0.17 -17.46 -0.95
C ASP A 54 0.82 -17.40 0.43
N GLY A 55 0.56 -16.32 1.16
CA GLY A 55 1.09 -16.17 2.50
C GLY A 55 2.06 -15.02 2.64
N THR A 56 2.55 -14.53 1.50
CA THR A 56 3.54 -13.45 1.50
C THR A 56 2.85 -12.07 1.46
N ARG A 57 3.50 -11.09 2.05
CA ARG A 57 3.00 -9.72 2.05
C ARG A 57 3.78 -8.90 1.05
N VAL A 58 3.08 -8.36 0.06
CA VAL A 58 3.72 -7.52 -0.94
C VAL A 58 3.42 -6.06 -0.63
N GLU A 59 4.45 -5.26 -0.49
CA GLU A 59 4.28 -3.85 -0.22
C GLU A 59 4.67 -3.03 -1.45
N VAL A 60 3.67 -2.41 -2.05
CA VAL A 60 3.90 -1.59 -3.22
C VAL A 60 4.26 -0.17 -2.80
N HIS A 61 5.48 0.25 -3.13
CA HIS A 61 5.92 1.59 -2.81
C HIS A 61 5.36 2.58 -3.82
N LEU A 62 4.58 3.51 -3.31
CA LEU A 62 3.86 4.44 -4.16
C LEU A 62 4.33 5.87 -3.93
N ASP A 63 4.15 6.69 -4.95
CA ASP A 63 4.51 8.10 -4.92
C ASP A 63 3.33 8.92 -4.41
N ARG A 64 3.55 10.21 -4.19
CA ARG A 64 2.51 11.11 -3.68
C ARG A 64 1.24 11.03 -4.51
N ASP A 65 1.39 10.88 -5.83
CA ASP A 65 0.25 10.79 -6.73
C ASP A 65 -0.22 9.36 -6.92
N PHE A 66 0.25 8.47 -6.04
CA PHE A 66 -0.07 7.05 -6.11
C PHE A 66 0.52 6.40 -7.35
N ARG A 67 1.58 7.00 -7.86
CA ARG A 67 2.29 6.42 -8.99
C ARG A 67 3.22 5.32 -8.49
N VAL A 68 3.26 4.21 -9.20
CA VAL A 68 4.04 3.06 -8.76
C VAL A 68 5.54 3.35 -8.88
N LEU A 69 6.25 3.16 -7.77
CA LEU A 69 7.69 3.33 -7.75
C LEU A 69 8.36 1.96 -7.89
N ASP A 70 8.06 1.07 -6.96
CA ASP A 70 8.59 -0.28 -6.99
C ASP A 70 7.67 -1.22 -6.23
N THR A 71 7.49 -2.42 -6.75
CA THR A 71 6.66 -3.42 -6.12
C THR A 71 7.53 -4.51 -5.52
N GLU A 72 7.55 -4.59 -4.19
CA GLU A 72 8.46 -5.50 -3.52
C GLU A 72 7.78 -6.27 -2.40
N PRO A 73 7.93 -7.59 -2.39
CA PRO A 73 7.53 -8.42 -1.27
C PRO A 73 8.62 -8.44 -0.19
N ALA A 74 8.23 -8.19 1.05
CA ALA A 74 9.21 -8.07 2.12
C ALA A 74 9.08 -9.21 3.12
N ASP A 75 10.04 -9.28 4.03
CA ASP A 75 10.03 -10.29 5.07
C ASP A 75 10.04 -9.63 6.45
N GLY A 76 10.08 -10.44 7.49
CA GLY A 76 10.09 -9.92 8.84
C GLY A 76 11.26 -10.44 9.65
N ASP A 77 12.44 -9.86 9.44
CA ASP A 77 13.62 -10.25 10.19
C ASP A 77 13.67 -9.48 11.51
N GLY A 78 13.59 -8.15 11.39
CA GLY A 78 13.57 -7.32 12.57
C GLY A 78 14.93 -6.75 12.92
N GLY A 79 15.98 -7.51 12.63
CA GLY A 79 17.33 -7.06 12.92
C GLY A 79 17.81 -6.06 11.90
N LEU A 80 17.62 -4.79 12.19
CA LEU A 80 18.00 -3.74 11.25
C LEU A 80 19.48 -3.42 11.35
N GLU A 81 20.28 -4.08 10.52
CA GLU A 81 21.71 -3.85 10.46
C GLU A 81 22.28 -4.47 9.19
N GLY A 1 -8.23 6.75 -16.85
CA GLY A 1 -7.12 7.54 -16.27
C GLY A 1 -7.56 8.33 -15.05
N ALA A 2 -8.03 7.62 -14.03
CA ALA A 2 -8.47 8.25 -12.81
C ALA A 2 -7.46 8.03 -11.68
N MET A 3 -7.26 9.03 -10.85
CA MET A 3 -6.36 8.91 -9.71
C MET A 3 -7.09 8.29 -8.54
N ALA A 4 -6.35 7.76 -7.58
CA ALA A 4 -6.95 7.11 -6.43
C ALA A 4 -7.39 8.13 -5.39
N PHE A 5 -8.47 8.84 -5.69
CA PHE A 5 -9.04 9.79 -4.76
C PHE A 5 -10.56 9.63 -4.70
N ASP A 6 -11.00 8.84 -3.73
CA ASP A 6 -12.43 8.63 -3.49
C ASP A 6 -12.63 8.34 -2.00
N GLY A 7 -12.34 7.11 -1.62
CA GLY A 7 -12.31 6.76 -0.22
C GLY A 7 -13.68 6.52 0.39
N GLU A 8 -13.77 5.51 1.24
CA GLU A 8 -14.96 5.28 2.03
C GLU A 8 -14.93 6.22 3.23
N ASP A 9 -16.05 6.87 3.51
CA ASP A 9 -16.09 7.93 4.52
C ASP A 9 -16.13 7.37 5.93
N GLU A 10 -16.08 6.05 6.07
CA GLU A 10 -16.12 5.43 7.38
C GLU A 10 -14.80 4.77 7.74
N VAL A 11 -13.78 4.98 6.92
CA VAL A 11 -12.46 4.44 7.22
C VAL A 11 -11.72 5.37 8.17
N THR A 12 -10.73 4.84 8.86
CA THR A 12 -9.97 5.65 9.80
C THR A 12 -8.71 6.22 9.16
N GLY A 13 -8.21 5.56 8.12
CA GLY A 13 -7.09 6.08 7.37
C GLY A 13 -7.54 6.86 6.16
N PRO A 14 -7.36 8.19 6.14
CA PRO A 14 -7.84 9.05 5.06
C PRO A 14 -7.30 8.64 3.69
N ASP A 15 -5.99 8.57 3.57
CA ASP A 15 -5.36 8.18 2.31
C ASP A 15 -5.19 6.66 2.23
N ALA A 16 -5.45 6.00 3.36
CA ALA A 16 -5.29 4.56 3.46
C ALA A 16 -6.28 3.82 2.57
N ASP A 17 -7.53 4.27 2.58
CA ASP A 17 -8.61 3.59 1.85
C ASP A 17 -8.25 3.35 0.39
N ARG A 18 -7.94 4.43 -0.33
CA ARG A 18 -7.73 4.33 -1.77
C ARG A 18 -6.44 3.61 -2.12
N ALA A 19 -5.42 3.74 -1.27
CA ALA A 19 -4.15 3.08 -1.52
C ALA A 19 -4.30 1.57 -1.37
N ARG A 20 -5.07 1.16 -0.36
CA ARG A 20 -5.31 -0.25 -0.12
C ARG A 20 -6.31 -0.81 -1.13
N ALA A 21 -7.17 0.06 -1.67
CA ALA A 21 -8.15 -0.33 -2.67
C ALA A 21 -7.49 -0.57 -4.02
N ALA A 22 -6.44 0.20 -4.31
CA ALA A 22 -5.69 0.04 -5.55
C ALA A 22 -4.86 -1.24 -5.54
N ALA A 23 -4.49 -1.68 -4.35
CA ALA A 23 -3.67 -2.88 -4.19
C ALA A 23 -4.47 -4.15 -4.52
N VAL A 24 -5.79 -4.05 -4.41
CA VAL A 24 -6.67 -5.19 -4.64
C VAL A 24 -6.57 -5.68 -6.08
N GLN A 25 -6.18 -4.80 -6.99
CA GLN A 25 -6.07 -5.15 -8.40
C GLN A 25 -4.75 -5.89 -8.67
N ALA A 26 -3.85 -5.84 -7.71
CA ALA A 26 -2.53 -6.45 -7.87
C ALA A 26 -2.42 -7.75 -7.09
N VAL A 27 -3.50 -8.15 -6.44
CA VAL A 27 -3.51 -9.39 -5.67
C VAL A 27 -4.88 -10.08 -5.76
N PRO A 28 -4.91 -11.29 -6.34
CA PRO A 28 -6.16 -12.04 -6.50
C PRO A 28 -6.68 -12.56 -5.16
N GLY A 29 -7.61 -11.82 -4.57
CA GLY A 29 -8.22 -12.23 -3.32
C GLY A 29 -7.26 -12.19 -2.16
N GLY A 30 -6.45 -11.14 -2.11
CA GLY A 30 -5.48 -11.01 -1.04
C GLY A 30 -5.95 -10.10 0.07
N THR A 31 -5.32 -10.19 1.24
CA THR A 31 -5.69 -9.38 2.39
C THR A 31 -4.95 -8.04 2.36
N ALA A 32 -5.69 -6.97 2.14
CA ALA A 32 -5.11 -5.64 2.11
C ALA A 32 -5.48 -4.87 3.37
N GLY A 33 -4.49 -4.26 4.00
CA GLY A 33 -4.76 -3.47 5.18
C GLY A 33 -4.64 -1.99 4.88
N GLU A 34 -5.22 -1.16 5.74
CA GLU A 34 -5.14 0.28 5.56
C GLU A 34 -3.70 0.75 5.65
N VAL A 35 -3.34 1.63 4.72
CA VAL A 35 -1.95 2.01 4.51
C VAL A 35 -1.58 3.22 5.35
N GLU A 36 -0.30 3.36 5.61
CA GLU A 36 0.20 4.49 6.36
C GLU A 36 0.86 5.48 5.42
N THR A 37 0.66 6.76 5.70
CA THR A 37 1.28 7.80 4.92
C THR A 37 2.76 7.91 5.27
N GLU A 38 3.62 7.41 4.39
CA GLU A 38 5.05 7.43 4.63
C GLU A 38 5.59 8.86 4.48
N THR A 39 6.48 9.25 5.37
CA THR A 39 7.02 10.59 5.35
C THR A 39 8.54 10.56 5.36
N GLY A 40 9.15 11.60 4.82
CA GLY A 40 10.60 11.66 4.76
C GLY A 40 11.12 11.33 3.37
N GLU A 41 10.27 10.68 2.57
CA GLU A 41 10.65 10.30 1.23
C GLU A 41 10.14 11.35 0.23
N GLY A 42 10.80 11.47 -0.92
CA GLY A 42 10.42 12.45 -1.90
C GLY A 42 9.32 11.97 -2.82
N ALA A 43 9.29 10.67 -3.08
CA ALA A 43 8.29 10.09 -3.96
C ALA A 43 7.32 9.21 -3.19
N ALA A 44 7.87 8.27 -2.43
CA ALA A 44 7.05 7.34 -1.65
C ALA A 44 6.31 8.08 -0.54
N ALA A 45 5.03 8.32 -0.76
CA ALA A 45 4.22 9.05 0.19
C ALA A 45 3.18 8.14 0.85
N TYR A 46 2.99 6.96 0.27
CA TYR A 46 2.02 6.01 0.78
C TYR A 46 2.64 4.61 0.82
N GLY A 47 2.49 3.92 1.94
CA GLY A 47 3.00 2.57 2.04
C GLY A 47 1.86 1.57 2.23
N VAL A 48 1.66 0.73 1.22
CA VAL A 48 0.56 -0.23 1.21
C VAL A 48 1.03 -1.60 1.68
N LEU A 49 0.30 -2.18 2.64
CA LEU A 49 0.64 -3.51 3.14
C LEU A 49 -0.30 -4.55 2.53
N VAL A 50 0.26 -5.40 1.67
CA VAL A 50 -0.52 -6.41 0.96
C VAL A 50 -0.11 -7.80 1.40
N THR A 51 -1.06 -8.55 1.93
CA THR A 51 -0.81 -9.93 2.32
C THR A 51 -1.38 -10.87 1.25
N ARG A 52 -0.50 -11.44 0.44
CA ARG A 52 -0.93 -12.32 -0.63
C ARG A 52 -1.33 -13.68 -0.08
N PRO A 53 -2.30 -14.34 -0.75
CA PRO A 53 -2.82 -15.66 -0.31
C PRO A 53 -1.73 -16.72 -0.26
N ASP A 54 -0.62 -16.46 -0.93
CA ASP A 54 0.52 -17.37 -0.95
C ASP A 54 1.22 -17.39 0.41
N GLY A 55 0.90 -16.40 1.26
CA GLY A 55 1.50 -16.34 2.57
C GLY A 55 2.73 -15.46 2.62
N THR A 56 2.73 -14.42 1.81
CA THR A 56 3.85 -13.49 1.75
C THR A 56 3.36 -12.05 1.87
N ARG A 57 4.18 -11.20 2.47
CA ARG A 57 3.81 -9.81 2.70
C ARG A 57 4.59 -8.90 1.76
N VAL A 58 3.86 -8.14 0.96
CA VAL A 58 4.45 -7.21 0.01
C VAL A 58 4.00 -5.80 0.32
N GLU A 59 4.93 -4.86 0.34
CA GLU A 59 4.56 -3.47 0.57
C GLU A 59 4.67 -2.67 -0.72
N VAL A 60 3.58 -2.03 -1.09
CA VAL A 60 3.53 -1.26 -2.32
C VAL A 60 3.81 0.21 -2.01
N HIS A 61 4.78 0.77 -2.71
CA HIS A 61 5.16 2.16 -2.52
C HIS A 61 4.52 3.04 -3.57
N LEU A 62 3.78 4.04 -3.11
CA LEU A 62 3.04 4.93 -3.99
C LEU A 62 3.62 6.34 -3.95
N ASP A 63 3.51 7.05 -5.05
CA ASP A 63 4.01 8.42 -5.16
C ASP A 63 2.91 9.40 -4.75
N ARG A 64 3.28 10.67 -4.63
CA ARG A 64 2.39 11.75 -4.22
C ARG A 64 1.02 11.65 -4.88
N ASP A 65 1.03 11.54 -6.22
CA ASP A 65 -0.21 11.55 -7.01
C ASP A 65 -0.81 10.15 -7.10
N PHE A 66 -0.39 9.27 -6.19
CA PHE A 66 -0.85 7.88 -6.15
C PHE A 66 -0.36 7.10 -7.36
N ARG A 67 0.78 7.51 -7.91
CA ARG A 67 1.41 6.77 -8.98
C ARG A 67 2.19 5.60 -8.38
N VAL A 68 1.89 4.39 -8.83
CA VAL A 68 2.58 3.21 -8.33
C VAL A 68 4.07 3.27 -8.68
N LEU A 69 4.91 3.20 -7.65
CA LEU A 69 6.35 3.25 -7.85
C LEU A 69 6.90 1.86 -8.11
N ASP A 70 6.68 0.95 -7.16
CA ASP A 70 7.20 -0.40 -7.27
C ASP A 70 6.59 -1.27 -6.17
N THR A 71 6.93 -2.55 -6.18
CA THR A 71 6.38 -3.50 -5.23
C THR A 71 7.46 -4.48 -4.77
N GLU A 72 7.87 -4.36 -3.52
CA GLU A 72 8.86 -5.27 -2.96
C GLU A 72 8.27 -6.05 -1.78
N PRO A 73 8.43 -7.39 -1.79
CA PRO A 73 7.98 -8.24 -0.69
C PRO A 73 8.89 -8.12 0.53
N ALA A 74 8.40 -7.42 1.54
CA ALA A 74 9.17 -7.21 2.75
C ALA A 74 8.47 -7.81 3.95
N ASP A 75 8.83 -9.05 4.26
CA ASP A 75 8.30 -9.73 5.44
C ASP A 75 9.19 -9.42 6.63
N GLY A 76 8.58 -9.06 7.75
CA GLY A 76 9.31 -8.67 8.93
C GLY A 76 10.30 -9.72 9.41
N ASP A 77 11.58 -9.45 9.22
CA ASP A 77 12.63 -10.34 9.69
C ASP A 77 13.05 -9.94 11.10
N GLY A 78 13.12 -8.65 11.32
CA GLY A 78 13.52 -8.15 12.62
C GLY A 78 14.29 -6.85 12.51
N GLY A 79 15.60 -6.97 12.45
CA GLY A 79 16.45 -5.81 12.30
C GLY A 79 17.92 -6.16 12.39
N LEU A 80 18.74 -5.17 12.71
CA LEU A 80 20.17 -5.40 12.92
C LEU A 80 20.41 -5.99 14.30
N GLU A 81 21.52 -6.69 14.47
CA GLU A 81 21.82 -7.35 15.73
C GLU A 81 23.33 -7.48 15.88
#